data_4K1J
#
_entry.id   4K1J
#
_cell.length_a   114.333
_cell.length_b   139.306
_cell.length_c   140.051
_cell.angle_alpha   90.00
_cell.angle_beta   90.00
_cell.angle_gamma   90.00
#
_symmetry.space_group_name_H-M   'C 2 2 21'
#
loop_
_entity.id
_entity.type
_entity.pdbx_description
1 polymer Neuraminidase
2 branched 2-acetamido-2-deoxy-beta-D-glucopyranose-(1-4)-2-acetamido-2-deoxy-beta-D-glucopyranose
3 branched alpha-D-mannopyranose-(1-3)-beta-D-mannopyranose-(1-4)-2-acetamido-2-deoxy-beta-D-glucopyranose-(1-4)-2-acetamido-2-deoxy-beta-D-glucopyranose
4 non-polymer 'CALCIUM ION'
5 non-polymer '(3R,4R,5S)-4-(acetylamino)-5-amino-3-(pentan-3-yloxy)cyclohex-1-ene-1-carboxylic acid'
6 water water
#
_entity_poly.entity_id   1
_entity_poly.type   'polypeptide(L)'
_entity_poly.pdbx_seq_one_letter_code
;VEYRNWSKPQCQITGFAPFSKDNSIRLSAGGDIWVTREPYVSCDPGKCYQFALGQGTTLDNKHSNGTVHDRIPHRTLLMN
ELGVPFHLGTRQVCIAWSSSSCHDGKAWLHVCITGDDKNATASFIYDGRLVDSIGSWSQNILRTQESECVCINGTCTVVM
TDGSASGRADTRILFIEEGKIVHISPLSGSAQHIEECSCYPRYPGVRCICRDNWKGSNRPVVDINMEDYSIDSSYVCSGL
VGDTPRNDDSSSNSNCRNPNNERGTQGVKGWAFDNGNDLWMGRTISKESRSGYETFKVIGGWSTPNSKSQVNRQVIVDNN
NWSGYSGIFSVEGKSCINRCFYVELIRGRPQETRVWWTSNSIVVFCGTSGTYGTGSWPDGANINFMPI
;
_entity_poly.pdbx_strand_id   A,B
#
# COMPACT_ATOMS: atom_id res chain seq x y z
N VAL A 1 4.89 5.02 -27.98
CA VAL A 1 4.41 5.72 -26.74
C VAL A 1 4.35 7.24 -26.96
N GLU A 2 3.36 7.88 -26.36
CA GLU A 2 2.98 9.28 -26.66
C GLU A 2 3.24 10.22 -25.48
N TYR A 3 3.41 11.52 -25.79
CA TYR A 3 3.57 12.53 -24.74
C TYR A 3 2.28 12.67 -23.90
N ARG A 4 2.44 12.75 -22.58
CA ARG A 4 1.33 13.11 -21.70
C ARG A 4 0.83 14.52 -21.98
N ASN A 5 -0.49 14.68 -22.06
CA ASN A 5 -1.12 16.01 -22.11
C ASN A 5 -1.86 16.37 -20.83
N TRP A 6 -2.25 15.37 -20.05
CA TRP A 6 -3.08 15.57 -18.86
C TRP A 6 -4.36 16.34 -19.16
N SER A 7 -4.90 16.16 -20.36
CA SER A 7 -6.08 16.91 -20.79
C SER A 7 -7.35 16.15 -20.43
N LYS A 8 -7.50 15.89 -19.13
CA LYS A 8 -8.70 15.31 -18.60
C LYS A 8 -9.09 16.16 -17.41
N PRO A 9 -10.38 16.17 -17.05
CA PRO A 9 -10.80 16.89 -15.85
C PRO A 9 -10.23 16.29 -14.57
N GLN A 10 -10.12 17.12 -13.55
CA GLN A 10 -9.68 16.68 -12.23
C GLN A 10 -10.76 15.76 -11.66
N CYS A 11 -10.35 14.63 -11.06
CA CYS A 11 -11.29 13.69 -10.46
C CYS A 11 -12.00 14.40 -9.32
N GLN A 12 -13.31 14.26 -9.25
CA GLN A 12 -14.05 14.79 -8.11
C GLN A 12 -13.82 13.85 -6.95
N ILE A 13 -13.33 14.38 -5.83
CA ILE A 13 -13.00 13.55 -4.68
C ILE A 13 -13.77 13.93 -3.42
N THR A 14 -13.86 12.98 -2.48
CA THR A 14 -14.56 13.15 -1.20
C THR A 14 -13.57 13.16 -0.05
N GLY A 15 -12.30 13.02 -0.41
CA GLY A 15 -11.25 12.80 0.57
C GLY A 15 -10.19 11.93 -0.07
N PHE A 16 -9.39 11.29 0.77
CA PHE A 16 -8.24 10.49 0.31
C PHE A 16 -8.23 9.10 0.96
N ALA A 17 -7.77 8.10 0.20
CA ALA A 17 -7.64 6.73 0.71
C ALA A 17 -6.17 6.30 0.82
N PRO A 18 -5.84 5.43 1.80
CA PRO A 18 -4.48 4.92 1.95
C PRO A 18 -3.97 4.25 0.67
N PHE A 19 -2.69 4.48 0.34
CA PHE A 19 -2.12 4.01 -0.91
C PHE A 19 -0.80 3.25 -0.73
N SER A 20 0.13 3.79 0.05
CA SER A 20 1.42 3.14 0.23
C SER A 20 2.07 3.61 1.50
N LYS A 21 3.00 2.80 1.99
CA LYS A 21 3.79 3.12 3.17
C LYS A 21 5.03 2.25 3.15
N ASP A 22 6.21 2.81 3.45
CA ASP A 22 7.44 2.03 3.25
C ASP A 22 8.11 1.49 4.52
N ASN A 23 7.76 2.03 5.70
CA ASN A 23 8.29 1.53 6.97
C ASN A 23 9.83 1.59 7.06
N SER A 24 10.42 2.55 6.35
CA SER A 24 11.88 2.65 6.22
C SER A 24 12.63 2.54 7.53
N ILE A 25 12.19 3.29 8.54
CA ILE A 25 12.95 3.40 9.78
C ILE A 25 12.82 2.14 10.64
N ARG A 26 11.63 1.56 10.66
CA ARG A 26 11.43 0.28 11.36
C ARG A 26 12.35 -0.80 10.75
N LEU A 27 12.41 -0.85 9.42
CA LEU A 27 13.28 -1.78 8.70
C LEU A 27 14.77 -1.53 8.98
N SER A 28 15.13 -0.25 9.12
CA SER A 28 16.54 0.17 9.35
C SER A 28 17.14 -0.37 10.62
N ALA A 29 16.30 -0.78 11.56
CA ALA A 29 16.79 -1.40 12.79
C ALA A 29 17.04 -2.91 12.64
N GLY A 30 16.79 -3.46 11.45
CA GLY A 30 17.06 -4.88 11.17
C GLY A 30 17.23 -5.09 9.68
N GLY A 31 18.22 -4.41 9.12
CA GLY A 31 18.38 -4.32 7.68
C GLY A 31 19.27 -3.13 7.29
N ASP A 32 19.80 -3.18 6.07
CA ASP A 32 20.65 -2.12 5.57
C ASP A 32 19.79 -1.24 4.68
N ILE A 33 19.49 -0.05 5.17
CA ILE A 33 18.53 0.83 4.52
C ILE A 33 19.13 2.22 4.45
N TRP A 34 18.98 2.86 3.30
CA TRP A 34 19.54 4.20 3.07
C TRP A 34 19.02 5.25 4.06
N VAL A 35 19.92 6.10 4.55
CA VAL A 35 19.51 7.35 5.22
C VAL A 35 19.01 8.30 4.13
N THR A 36 17.82 8.86 4.32
CA THR A 36 17.21 9.76 3.34
C THR A 36 16.57 11.01 3.98
N ARG A 37 16.19 11.96 3.13
CA ARG A 37 15.18 12.97 3.43
C ARG A 37 14.71 13.50 2.09
N GLU A 38 13.76 14.43 2.13
CA GLU A 38 13.24 15.08 0.94
C GLU A 38 12.65 14.09 -0.07
N PRO A 39 11.79 13.19 0.42
CA PRO A 39 11.17 12.21 -0.49
C PRO A 39 10.09 12.78 -1.40
N TYR A 40 9.73 12.02 -2.41
CA TYR A 40 8.53 12.30 -3.18
C TYR A 40 8.15 11.10 -4.02
N VAL A 41 7.03 11.22 -4.72
CA VAL A 41 6.51 10.15 -5.54
C VAL A 41 6.19 10.75 -6.89
N SER A 42 6.46 10.00 -7.95
CA SER A 42 6.02 10.38 -9.29
C SER A 42 5.81 9.11 -10.07
N CYS A 43 4.86 9.11 -11.00
CA CYS A 43 4.52 7.89 -11.71
C CYS A 43 4.67 8.09 -13.20
N ASP A 44 5.21 7.08 -13.89
CA ASP A 44 5.11 7.05 -15.35
C ASP A 44 3.70 6.56 -15.69
N PRO A 45 3.37 6.45 -16.98
CA PRO A 45 1.99 6.08 -17.28
C PRO A 45 1.55 4.68 -16.81
N GLY A 46 2.48 3.85 -16.34
CA GLY A 46 2.19 2.50 -15.88
C GLY A 46 2.27 2.34 -14.38
N LYS A 47 3.34 2.85 -13.77
CA LYS A 47 3.53 2.68 -12.32
C LYS A 47 4.21 3.83 -11.58
N CYS A 48 4.11 3.77 -10.26
CA CYS A 48 4.63 4.82 -9.40
C CYS A 48 5.96 4.44 -8.78
N TYR A 49 6.75 5.48 -8.53
CA TYR A 49 8.06 5.35 -7.92
C TYR A 49 8.17 6.30 -6.75
N GLN A 50 8.85 5.86 -5.71
CA GLN A 50 9.28 6.75 -4.66
C GLN A 50 10.72 7.20 -4.92
N PHE A 51 10.96 8.48 -4.62
CA PHE A 51 12.26 9.11 -4.74
C PHE A 51 12.64 9.68 -3.38
N ALA A 52 13.93 9.93 -3.22
CA ALA A 52 14.42 10.64 -2.05
C ALA A 52 15.90 10.92 -2.23
N LEU A 53 16.40 11.83 -1.40
CA LEU A 53 17.80 12.19 -1.40
C LEU A 53 18.52 11.38 -0.34
N GLY A 54 19.38 10.47 -0.80
CA GLY A 54 20.22 9.71 0.10
C GLY A 54 21.24 10.61 0.75
N GLN A 55 21.82 10.12 1.84
CA GLN A 55 22.93 10.78 2.48
C GLN A 55 24.23 10.00 2.27
N GLY A 56 24.30 9.25 1.18
CA GLY A 56 25.51 8.48 0.85
C GLY A 56 25.88 7.46 1.92
N THR A 57 24.88 6.97 2.64
CA THR A 57 25.10 6.04 3.74
C THR A 57 23.82 5.29 4.10
N THR A 58 23.99 4.15 4.76
CA THR A 58 22.88 3.47 5.38
C THR A 58 22.77 3.99 6.81
N LEU A 59 21.67 3.62 7.48
CA LEU A 59 21.39 4.12 8.83
C LEU A 59 22.24 3.43 9.89
N ASP A 60 22.29 2.10 9.84
CA ASP A 60 23.12 1.34 10.78
C ASP A 60 24.54 1.33 10.20
N ASN A 61 25.23 2.44 10.43
CA ASN A 61 26.43 2.81 9.69
C ASN A 61 26.96 4.07 10.35
N LYS A 62 28.24 4.11 10.71
CA LYS A 62 28.80 5.26 11.41
C LYS A 62 28.77 6.56 10.62
N HIS A 63 28.65 6.45 9.29
CA HIS A 63 28.46 7.60 8.43
C HIS A 63 27.05 8.23 8.54
N SER A 64 26.16 7.61 9.31
CA SER A 64 24.82 8.18 9.54
C SER A 64 24.93 9.41 10.45
N ASN A 65 25.97 9.44 11.27
CA ASN A 65 26.18 10.54 12.18
C ASN A 65 26.37 11.87 11.45
N GLY A 66 25.49 12.83 11.75
CA GLY A 66 25.60 14.19 11.20
C GLY A 66 24.73 14.43 9.99
N THR A 67 23.87 13.47 9.68
CA THR A 67 23.00 13.57 8.50
C THR A 67 21.84 14.58 8.65
N VAL A 68 21.76 15.28 9.78
CA VAL A 68 20.84 16.43 9.88
C VAL A 68 21.24 17.53 8.89
N HIS A 69 22.54 17.60 8.59
CA HIS A 69 23.12 18.53 7.60
CA HIS A 69 23.04 18.57 7.62
C HIS A 69 22.52 18.30 6.21
N ASP A 70 22.23 19.39 5.49
CA ASP A 70 21.50 19.33 4.22
C ASP A 70 22.26 19.01 2.94
N ARG A 71 23.50 19.49 2.84
CA ARG A 71 24.18 19.49 1.56
C ARG A 71 25.58 18.92 1.73
N ILE A 72 25.77 17.73 1.17
CA ILE A 72 27.10 17.13 1.02
C ILE A 72 27.19 16.55 -0.39
N PRO A 73 28.43 16.34 -0.88
CA PRO A 73 28.64 15.83 -2.25
C PRO A 73 28.14 14.41 -2.48
N HIS A 74 27.94 13.68 -1.39
CA HIS A 74 27.60 12.26 -1.43
C HIS A 74 26.09 12.02 -1.54
N ARG A 75 25.29 13.09 -1.48
CA ARG A 75 23.85 12.94 -1.63
C ARG A 75 23.52 12.64 -3.08
N THR A 76 22.70 11.61 -3.28
CA THR A 76 22.27 11.21 -4.59
C THR A 76 20.79 10.94 -4.58
N LEU A 77 20.15 11.09 -5.73
CA LEU A 77 18.72 10.84 -5.86
C LEU A 77 18.47 9.34 -6.00
N LEU A 78 17.71 8.77 -5.07
CA LEU A 78 17.30 7.37 -5.10
C LEU A 78 15.96 7.21 -5.81
N MET A 79 15.81 6.14 -6.60
CA MET A 79 14.55 5.85 -7.28
C MET A 79 14.21 4.35 -7.24
N ASN A 80 13.15 4.00 -6.50
CA ASN A 80 12.55 2.65 -6.49
C ASN A 80 11.10 2.68 -6.90
N GLU A 81 10.56 1.52 -7.20
CA GLU A 81 9.12 1.37 -7.31
C GLU A 81 8.49 1.71 -5.96
N LEU A 82 7.34 2.37 -5.99
CA LEU A 82 6.64 2.78 -4.76
C LEU A 82 6.34 1.54 -3.92
N GLY A 83 6.78 1.56 -2.67
CA GLY A 83 6.60 0.44 -1.76
C GLY A 83 7.85 -0.38 -1.54
N VAL A 84 8.83 -0.27 -2.45
CA VAL A 84 10.13 -0.91 -2.25
C VAL A 84 11.01 0.01 -1.42
N PRO A 85 11.35 -0.41 -0.19
CA PRO A 85 12.15 0.49 0.63
C PRO A 85 13.55 0.65 0.06
N PHE A 86 14.29 1.63 0.57
CA PHE A 86 15.59 1.98 -0.02
C PHE A 86 16.68 1.07 0.52
N HIS A 87 16.74 -0.12 -0.08
CA HIS A 87 17.71 -1.17 0.26
C HIS A 87 18.99 -0.96 -0.59
N LEU A 88 20.00 -1.80 -0.41
CA LEU A 88 21.31 -1.59 -1.06
C LEU A 88 21.32 -1.81 -2.57
N GLY A 89 20.26 -2.41 -3.11
CA GLY A 89 20.08 -2.54 -4.54
C GLY A 89 19.40 -1.35 -5.21
N THR A 90 19.08 -0.33 -4.43
CA THR A 90 18.43 0.88 -4.95
C THR A 90 19.37 1.61 -5.90
N ARG A 91 18.84 2.07 -7.03
CA ARG A 91 19.60 2.87 -7.98
C ARG A 91 19.70 4.35 -7.59
N GLN A 92 20.94 4.84 -7.54
CA GLN A 92 21.25 6.26 -7.42
C GLN A 92 21.22 6.88 -8.81
N VAL A 93 20.14 7.60 -9.08
CA VAL A 93 19.84 8.19 -10.39
C VAL A 93 20.79 9.33 -10.80
N CYS A 94 21.30 10.08 -9.82
CA CYS A 94 22.15 11.24 -10.09
C CYS A 94 22.71 11.77 -8.78
N ILE A 95 23.60 12.75 -8.87
CA ILE A 95 24.17 13.41 -7.70
C ILE A 95 23.24 14.58 -7.41
N ALA A 96 22.75 14.68 -6.19
CA ALA A 96 21.70 15.67 -5.87
C ALA A 96 21.58 15.92 -4.38
N TRP A 97 21.68 17.18 -3.97
CA TRP A 97 21.19 17.55 -2.65
C TRP A 97 19.90 18.38 -2.77
N SER A 98 19.38 18.50 -3.98
CA SER A 98 18.03 18.99 -4.20
C SER A 98 17.62 18.47 -5.58
N SER A 99 16.36 18.06 -5.75
CA SER A 99 15.95 17.46 -7.03
C SER A 99 14.49 17.59 -7.37
N SER A 100 14.19 17.29 -8.61
CA SER A 100 12.83 17.12 -9.09
C SER A 100 12.87 16.14 -10.24
N SER A 101 11.83 15.31 -10.37
CA SER A 101 11.75 14.34 -11.48
C SER A 101 10.34 14.28 -12.02
N CYS A 102 10.21 13.89 -13.29
CA CYS A 102 8.91 13.73 -13.92
C CYS A 102 9.05 13.00 -15.24
N HIS A 103 7.97 12.33 -15.65
CA HIS A 103 7.95 11.52 -16.87
C HIS A 103 7.02 12.19 -17.86
N ASP A 104 7.47 12.40 -19.09
CA ASP A 104 6.70 13.15 -20.09
C ASP A 104 5.81 12.31 -20.97
N GLY A 105 5.67 11.03 -20.64
CA GLY A 105 4.91 10.08 -21.45
C GLY A 105 5.83 9.13 -22.20
N LYS A 106 7.06 9.59 -22.48
CA LYS A 106 8.06 8.79 -23.19
C LYS A 106 9.20 8.37 -22.28
N ALA A 107 9.76 9.31 -21.53
CA ALA A 107 10.92 9.01 -20.68
C ALA A 107 10.96 9.90 -19.45
N TRP A 108 11.83 9.52 -18.51
CA TRP A 108 12.04 10.25 -17.27
C TRP A 108 12.98 11.44 -17.46
N LEU A 109 12.63 12.55 -16.80
CA LEU A 109 13.50 13.70 -16.65
C LEU A 109 13.86 13.79 -15.19
N HIS A 110 15.14 14.00 -14.90
CA HIS A 110 15.61 14.26 -13.55
C HIS A 110 16.38 15.56 -13.56
N VAL A 111 16.09 16.41 -12.58
CA VAL A 111 16.78 17.67 -12.38
C VAL A 111 17.53 17.52 -11.08
N CYS A 112 18.85 17.56 -11.14
CA CYS A 112 19.66 17.24 -9.97
C CYS A 112 20.70 18.31 -9.69
N ILE A 113 20.73 18.75 -8.44
CA ILE A 113 21.54 19.89 -8.05
C ILE A 113 22.53 19.50 -6.97
N THR A 114 23.79 19.83 -7.20
CA THR A 114 24.85 19.48 -6.28
C THR A 114 25.98 20.48 -6.46
N GLY A 115 26.98 20.40 -5.59
CA GLY A 115 28.14 21.27 -5.65
C GLY A 115 28.15 22.33 -4.56
N ASP A 116 28.99 23.34 -4.73
CA ASP A 116 29.21 24.36 -3.71
C ASP A 116 27.95 25.20 -3.48
N ASP A 117 27.71 25.61 -2.23
CA ASP A 117 26.57 26.50 -1.92
C ASP A 117 26.54 27.72 -2.84
N LYS A 118 27.67 28.39 -2.97
CA LYS A 118 27.76 29.63 -3.76
C LYS A 118 27.88 29.44 -5.25
N ASN A 119 27.98 28.20 -5.73
CA ASN A 119 28.22 27.97 -7.16
C ASN A 119 27.80 26.56 -7.59
N ALA A 120 26.51 26.28 -7.48
CA ALA A 120 26.01 24.94 -7.65
C ALA A 120 25.77 24.70 -9.11
N THR A 121 25.58 23.42 -9.42
CA THR A 121 25.27 22.98 -10.76
C THR A 121 24.00 22.15 -10.73
N ALA A 122 23.10 22.44 -11.68
CA ALA A 122 21.94 21.61 -11.90
C ALA A 122 22.13 20.83 -13.19
N SER A 123 22.04 19.50 -13.11
CA SER A 123 22.11 18.65 -14.31
C SER A 123 20.71 18.26 -14.74
N PHE A 124 20.50 18.18 -16.06
CA PHE A 124 19.25 17.76 -16.62
C PHE A 124 19.46 16.46 -17.38
N ILE A 125 19.01 15.37 -16.78
CA ILE A 125 19.15 14.02 -17.33
C ILE A 125 17.80 13.56 -17.89
N TYR A 126 17.78 13.24 -19.17
CA TYR A 126 16.57 12.78 -19.83
C TYR A 126 16.85 11.46 -20.54
N ASP A 127 16.00 10.47 -20.32
CA ASP A 127 16.11 9.17 -20.98
C ASP A 127 17.50 8.54 -20.81
N GLY A 128 18.03 8.65 -19.60
CA GLY A 128 19.31 8.03 -19.24
C GLY A 128 20.58 8.74 -19.67
N ARG A 129 20.48 9.96 -20.21
CA ARG A 129 21.67 10.70 -20.65
C ARG A 129 21.60 12.18 -20.23
N LEU A 130 22.76 12.74 -19.91
CA LEU A 130 22.84 14.15 -19.55
C LEU A 130 22.62 14.98 -20.81
N VAL A 131 21.59 15.83 -20.78
CA VAL A 131 21.26 16.66 -21.94
C VAL A 131 21.60 18.14 -21.73
N ASP A 132 21.63 18.62 -20.49
CA ASP A 132 21.84 20.03 -20.26
C ASP A 132 22.29 20.27 -18.83
N SER A 133 22.79 21.46 -18.56
CA SER A 133 23.15 21.89 -17.21
C SER A 133 23.06 23.41 -17.10
N ILE A 134 22.93 23.92 -15.87
CA ILE A 134 22.93 25.35 -15.65
C ILE A 134 23.60 25.63 -14.32
N GLY A 135 24.42 26.68 -14.28
CA GLY A 135 25.06 27.10 -13.04
C GLY A 135 24.17 28.04 -12.25
N SER A 136 24.56 28.29 -11.01
CA SER A 136 23.86 29.18 -10.09
C SER A 136 23.82 30.60 -10.66
N TRP A 137 22.66 31.24 -10.57
CA TRP A 137 22.52 32.62 -11.06
C TRP A 137 22.53 33.68 -9.96
N SER A 138 22.52 33.26 -8.70
CA SER A 138 22.59 34.20 -7.57
C SER A 138 23.57 33.78 -6.51
N GLN A 139 24.36 32.75 -6.81
CA GLN A 139 25.45 32.33 -5.93
C GLN A 139 25.01 32.06 -4.50
N ASN A 140 23.78 31.56 -4.33
CA ASN A 140 23.28 31.28 -2.99
C ASN A 140 22.30 30.11 -2.99
N ILE A 141 22.88 28.91 -3.15
CA ILE A 141 22.19 27.63 -3.02
C ILE A 141 21.07 27.49 -4.03
N LEU A 142 21.42 27.40 -5.30
CA LEU A 142 20.46 27.05 -6.34
C LEU A 142 19.71 25.78 -5.89
N ARG A 143 18.40 25.75 -6.08
CA ARG A 143 17.55 24.71 -5.47
C ARG A 143 16.20 24.59 -6.17
N THR A 144 15.56 23.43 -6.03
CA THR A 144 14.30 23.18 -6.73
C THR A 144 13.24 22.48 -5.83
N GLN A 145 12.27 21.82 -6.46
CA GLN A 145 11.01 21.49 -5.79
C GLN A 145 11.03 20.44 -4.66
N GLU A 146 11.83 19.39 -4.84
CA GLU A 146 11.78 18.18 -3.97
C GLU A 146 10.43 17.45 -4.13
N SER A 147 9.82 17.59 -5.29
CA SER A 147 8.64 16.82 -5.67
C SER A 147 8.61 16.81 -7.18
N GLU A 148 7.61 16.17 -7.75
CA GLU A 148 7.60 15.95 -9.20
C GLU A 148 7.42 17.24 -9.98
N CYS A 149 8.04 17.28 -11.16
CA CYS A 149 7.78 18.31 -12.15
C CYS A 149 6.61 17.86 -13.01
N VAL A 150 6.21 18.68 -13.97
CA VAL A 150 5.03 18.37 -14.77
C VAL A 150 5.32 18.63 -16.23
N CYS A 151 4.90 17.70 -17.09
CA CYS A 151 5.12 17.82 -18.52
C CYS A 151 3.81 17.77 -19.26
N ILE A 152 3.63 18.68 -20.21
CA ILE A 152 2.49 18.64 -21.12
C ILE A 152 3.02 18.74 -22.54
N ASN A 153 2.56 17.81 -23.39
CA ASN A 153 2.95 17.73 -24.79
C ASN A 153 4.46 17.83 -25.05
N GLY A 154 5.25 17.21 -24.18
CA GLY A 154 6.69 17.13 -24.39
C GLY A 154 7.52 18.22 -23.75
N THR A 155 6.86 19.23 -23.19
CA THR A 155 7.53 20.29 -22.45
C THR A 155 7.29 20.08 -20.97
N CYS A 156 8.37 19.96 -20.20
CA CYS A 156 8.29 19.82 -18.75
C CYS A 156 8.70 21.12 -18.11
N THR A 157 8.04 21.48 -17.01
CA THR A 157 8.38 22.70 -16.30
C THR A 157 8.77 22.38 -14.88
N VAL A 158 9.70 23.16 -14.37
CA VAL A 158 10.17 23.02 -13.00
C VAL A 158 10.50 24.40 -12.45
N VAL A 159 10.38 24.55 -11.15
CA VAL A 159 10.55 25.83 -10.49
C VAL A 159 11.81 25.75 -9.65
N MET A 160 12.70 26.73 -9.86
CA MET A 160 13.95 26.79 -9.14
C MET A 160 14.12 28.16 -8.48
N THR A 161 14.86 28.17 -7.37
CA THR A 161 15.17 29.41 -6.67
C THR A 161 16.67 29.43 -6.32
N ASP A 162 17.23 30.64 -6.28
CA ASP A 162 18.62 30.88 -5.94
C ASP A 162 18.63 32.21 -5.20
N GLY A 163 19.26 32.26 -4.04
CA GLY A 163 19.22 33.47 -3.24
C GLY A 163 18.86 33.20 -1.80
N SER A 164 18.53 34.27 -1.08
CA SER A 164 18.26 34.17 0.35
C SER A 164 17.08 33.26 0.64
N ALA A 165 17.18 32.53 1.75
CA ALA A 165 16.07 31.73 2.29
C ALA A 165 15.23 32.52 3.30
N SER A 166 15.67 33.75 3.61
CA SER A 166 15.00 34.59 4.60
C SER A 166 14.92 36.03 4.10
N GLY A 167 14.66 36.19 2.80
CA GLY A 167 14.65 37.49 2.17
C GLY A 167 14.37 37.32 0.70
N ARG A 168 14.26 38.44 -0.02
CA ARG A 168 13.98 38.40 -1.44
C ARG A 168 15.00 37.50 -2.16
N ALA A 169 14.52 36.69 -3.11
CA ALA A 169 15.36 35.75 -3.85
C ALA A 169 15.02 35.80 -5.32
N ASP A 170 15.75 35.01 -6.10
CA ASP A 170 15.61 34.97 -7.55
C ASP A 170 15.02 33.64 -8.00
N THR A 171 13.75 33.66 -8.38
CA THR A 171 13.03 32.45 -8.71
C THR A 171 12.73 32.45 -10.19
N ARG A 172 12.92 31.30 -10.82
CA ARG A 172 12.76 31.19 -12.26
C ARG A 172 12.05 29.92 -12.61
N ILE A 173 11.38 29.94 -13.74
CA ILE A 173 10.61 28.81 -14.16
C ILE A 173 11.20 28.33 -15.49
N LEU A 174 11.67 27.09 -15.49
CA LEU A 174 12.34 26.52 -16.65
C LEU A 174 11.36 25.66 -17.41
N PHE A 175 11.50 25.69 -18.73
CA PHE A 175 10.73 24.87 -19.64
C PHE A 175 11.74 24.00 -20.39
N ILE A 176 11.54 22.67 -20.30
CA ILE A 176 12.54 21.68 -20.70
C ILE A 176 11.93 20.68 -21.66
N GLU A 177 12.57 20.51 -22.83
CA GLU A 177 12.10 19.56 -23.83
C GLU A 177 13.16 18.49 -24.04
N GLU A 178 12.79 17.25 -23.68
CA GLU A 178 13.71 16.12 -23.76
C GLU A 178 15.06 16.41 -23.11
N GLY A 179 15.04 17.00 -21.91
CA GLY A 179 16.26 17.33 -21.17
C GLY A 179 16.91 18.66 -21.50
N LYS A 180 16.46 19.31 -22.58
CA LYS A 180 17.06 20.55 -23.08
C LYS A 180 16.26 21.79 -22.66
N ILE A 181 16.90 22.72 -21.95
CA ILE A 181 16.24 23.96 -21.54
C ILE A 181 15.95 24.81 -22.77
N VAL A 182 14.67 25.01 -23.08
CA VAL A 182 14.28 25.84 -24.23
C VAL A 182 13.84 27.26 -23.87
N HIS A 183 13.57 27.51 -22.58
CA HIS A 183 13.12 28.83 -22.16
C HIS A 183 13.14 28.91 -20.65
N ILE A 184 13.46 30.10 -20.14
CA ILE A 184 13.46 30.37 -18.71
C ILE A 184 12.66 31.65 -18.43
N SER A 185 11.69 31.56 -17.52
CA SER A 185 10.85 32.70 -17.18
C SER A 185 11.08 33.15 -15.75
N PRO A 186 11.29 34.46 -15.54
CA PRO A 186 11.39 34.91 -14.16
C PRO A 186 10.03 34.80 -13.44
N LEU A 187 10.07 34.63 -12.13
CA LEU A 187 8.86 34.73 -11.33
C LEU A 187 8.24 36.10 -11.54
N SER A 188 6.92 36.12 -11.66
CA SER A 188 6.13 37.33 -11.75
C SER A 188 4.86 37.14 -10.92
N GLY A 189 4.14 38.24 -10.67
CA GLY A 189 2.95 38.24 -9.81
C GLY A 189 3.26 38.73 -8.42
N SER A 190 2.39 38.40 -7.46
CA SER A 190 2.47 39.00 -6.13
C SER A 190 3.14 38.13 -5.07
N ALA A 191 3.52 36.89 -5.40
CA ALA A 191 4.23 36.06 -4.44
C ALA A 191 5.63 36.63 -4.22
N GLN A 192 6.04 36.72 -2.98
CA GLN A 192 7.27 37.40 -2.63
C GLN A 192 8.40 36.47 -2.19
N HIS A 193 8.11 35.18 -2.06
CA HIS A 193 9.15 34.19 -1.74
C HIS A 193 8.64 32.79 -2.07
N ILE A 194 9.43 32.08 -2.88
CA ILE A 194 9.03 30.80 -3.45
C ILE A 194 10.10 29.75 -3.17
N GLU A 195 9.70 28.73 -2.41
CA GLU A 195 10.54 27.58 -2.12
C GLU A 195 9.72 26.31 -2.36
N GLU A 196 10.40 25.27 -2.86
CA GLU A 196 9.90 23.89 -2.80
C GLU A 196 8.47 23.73 -3.30
N CYS A 197 8.24 24.14 -4.54
CA CYS A 197 6.91 24.08 -5.11
C CYS A 197 6.40 22.66 -5.30
N SER A 198 5.13 22.47 -4.95
CA SER A 198 4.39 21.25 -5.25
C SER A 198 3.47 21.58 -6.39
N CYS A 199 3.82 21.11 -7.58
CA CYS A 199 3.11 21.47 -8.79
C CYS A 199 2.27 20.32 -9.29
N TYR A 200 1.30 20.66 -10.12
CA TYR A 200 0.42 19.67 -10.73
C TYR A 200 -0.12 20.17 -12.04
N PRO A 201 -0.43 19.25 -12.96
CA PRO A 201 -1.03 19.67 -14.22
C PRO A 201 -2.46 20.19 -14.01
N ARG A 202 -2.76 21.34 -14.61
CA ARG A 202 -4.11 21.88 -14.62
C ARG A 202 -4.37 22.38 -16.03
N TYR A 203 -4.58 21.44 -16.93
CA TYR A 203 -4.59 21.70 -18.36
C TYR A 203 -5.38 22.96 -18.69
N PRO A 204 -4.86 23.82 -19.60
CA PRO A 204 -3.66 23.66 -20.42
C PRO A 204 -2.36 24.10 -19.75
N GLY A 205 -2.39 24.36 -18.44
CA GLY A 205 -1.23 24.86 -17.73
C GLY A 205 -0.80 24.01 -16.55
N VAL A 206 0.04 24.60 -15.71
CA VAL A 206 0.54 23.94 -14.51
C VAL A 206 0.39 24.92 -13.37
N ARG A 207 0.08 24.39 -12.18
CA ARG A 207 -0.15 25.20 -10.99
C ARG A 207 0.66 24.63 -9.85
N CYS A 208 1.25 25.51 -9.06
CA CYS A 208 2.08 25.09 -7.95
C CYS A 208 1.64 25.80 -6.68
N ILE A 209 1.65 25.06 -5.58
CA ILE A 209 1.50 25.62 -4.25
C ILE A 209 2.84 25.38 -3.58
N CYS A 210 3.42 26.45 -3.04
CA CYS A 210 4.82 26.39 -2.59
C CYS A 210 4.95 26.82 -1.14
N ARG A 211 6.18 27.17 -0.77
CA ARG A 211 6.54 27.51 0.60
C ARG A 211 7.16 28.91 0.61
N ASP A 212 6.60 29.83 1.39
CA ASP A 212 7.16 31.16 1.58
C ASP A 212 7.90 31.09 2.87
N ASN A 213 9.20 31.36 2.82
CA ASN A 213 10.09 31.11 3.94
C ASN A 213 10.53 32.43 4.59
N TRP A 214 9.95 33.53 4.12
CA TRP A 214 10.36 34.89 4.51
C TRP A 214 9.27 35.59 5.33
N LYS A 215 8.13 35.90 4.72
CA LYS A 215 7.07 36.67 5.40
C LYS A 215 5.69 36.02 5.45
N GLY A 216 5.53 34.85 4.82
CA GLY A 216 4.22 34.20 4.70
C GLY A 216 4.09 32.88 5.43
N SER A 217 3.05 32.75 6.26
CA SER A 217 2.59 31.45 6.78
C SER A 217 1.47 30.91 5.91
N ASN A 218 0.93 31.77 5.04
CA ASN A 218 0.06 31.32 3.97
C ASN A 218 0.92 30.88 2.80
N ARG A 219 0.37 30.02 1.93
CA ARG A 219 1.18 29.38 0.89
C ARG A 219 1.08 30.11 -0.44
N PRO A 220 2.24 30.45 -1.02
CA PRO A 220 2.20 31.06 -2.34
C PRO A 220 1.71 30.11 -3.41
N VAL A 221 1.22 30.71 -4.49
CA VAL A 221 0.77 29.99 -5.65
C VAL A 221 1.64 30.48 -6.81
N VAL A 222 1.93 29.60 -7.77
CA VAL A 222 2.57 30.00 -9.01
C VAL A 222 1.83 29.34 -10.13
N ASP A 223 1.39 30.13 -11.10
CA ASP A 223 0.72 29.63 -12.28
C ASP A 223 1.59 29.79 -13.51
N ILE A 224 1.72 28.70 -14.26
CA ILE A 224 2.65 28.61 -15.36
C ILE A 224 1.85 28.37 -16.61
N ASN A 225 1.93 29.33 -17.54
CA ASN A 225 1.35 29.19 -18.85
C ASN A 225 2.31 28.45 -19.78
N MET A 226 1.91 27.27 -20.23
CA MET A 226 2.80 26.42 -21.02
C MET A 226 2.85 26.85 -22.48
N GLU A 227 1.82 27.59 -22.92
CA GLU A 227 1.73 28.03 -24.31
C GLU A 227 2.62 29.24 -24.62
N ASP A 228 2.70 30.19 -23.69
CA ASP A 228 3.51 31.40 -23.92
C ASP A 228 4.59 31.67 -22.86
N TYR A 229 4.76 30.74 -21.94
CA TYR A 229 5.78 30.83 -20.88
C TYR A 229 5.54 31.93 -19.82
N SER A 230 4.40 32.61 -19.90
CA SER A 230 4.10 33.66 -18.92
C SER A 230 3.81 33.06 -17.55
N ILE A 231 4.15 33.82 -16.51
CA ILE A 231 4.04 33.40 -15.14
C ILE A 231 3.11 34.37 -14.41
N ASP A 232 2.39 33.85 -13.40
CA ASP A 232 1.69 34.68 -12.45
C ASP A 232 1.79 34.03 -11.08
N SER A 233 1.55 34.80 -10.04
CA SER A 233 1.65 34.28 -8.69
C SER A 233 0.77 35.06 -7.71
N SER A 234 0.47 34.42 -6.58
CA SER A 234 -0.43 34.96 -5.58
C SER A 234 -0.26 34.14 -4.30
N TYR A 235 -1.28 34.13 -3.44
CA TYR A 235 -1.27 33.28 -2.25
C TYR A 235 -2.60 32.56 -2.15
N VAL A 236 -2.58 31.43 -1.46
CA VAL A 236 -3.77 30.61 -1.26
C VAL A 236 -4.77 31.44 -0.43
N CYS A 237 -5.99 31.61 -0.94
CA CYS A 237 -6.99 32.44 -0.27
C CYS A 237 -7.32 31.99 1.14
N SER A 238 -7.40 30.67 1.35
CA SER A 238 -7.89 30.11 2.61
C SER A 238 -7.28 30.76 3.85
N GLY A 239 -8.14 31.17 4.79
CA GLY A 239 -7.68 31.71 6.07
C GLY A 239 -7.19 30.61 6.99
N LEU A 240 -7.49 29.36 6.61
CA LEU A 240 -6.83 28.22 7.22
C LEU A 240 -5.58 27.98 6.38
N VAL A 241 -4.44 28.38 6.93
CA VAL A 241 -3.17 28.42 6.19
C VAL A 241 -2.34 27.14 6.37
N GLY A 242 -1.54 26.82 5.36
CA GLY A 242 -0.88 25.52 5.25
C GLY A 242 0.56 25.41 5.72
N ASP A 243 1.21 26.54 5.99
CA ASP A 243 2.62 26.51 6.34
C ASP A 243 2.78 26.17 7.80
N THR A 244 4.01 25.84 8.16
CA THR A 244 4.42 25.66 9.54
C THR A 244 5.81 26.29 9.67
N PRO A 245 5.99 27.27 10.58
CA PRO A 245 5.03 27.77 11.58
C PRO A 245 3.89 28.59 11.02
N ARG A 246 2.89 28.83 11.87
CA ARG A 246 1.72 29.62 11.54
C ARG A 246 0.96 30.05 12.82
N ASN A 247 0.11 31.06 12.71
CA ASN A 247 -0.80 31.42 13.80
C ASN A 247 -1.89 30.35 13.90
N ASP A 248 -2.52 30.26 15.06
CA ASP A 248 -3.65 29.34 15.19
C ASP A 248 -4.81 29.82 14.33
N ASP A 249 -5.75 28.92 14.08
CA ASP A 249 -6.85 29.15 13.15
C ASP A 249 -7.74 30.37 13.46
N SER A 250 -7.78 30.80 14.72
CA SER A 250 -8.60 31.95 15.07
C SER A 250 -7.92 33.26 14.69
N SER A 251 -6.58 33.33 14.77
CA SER A 251 -5.85 34.55 14.40
C SER A 251 -5.01 34.47 13.12
N SER A 252 -5.31 33.50 12.24
CA SER A 252 -4.58 33.36 10.98
C SER A 252 -5.31 34.12 9.85
N ASN A 253 -4.56 34.68 8.91
CA ASN A 253 -5.15 35.37 7.77
C ASN A 253 -4.45 35.12 6.43
N SER A 254 -5.20 35.31 5.36
CA SER A 254 -4.66 35.41 4.03
C SER A 254 -5.64 36.22 3.19
N ASN A 255 -5.12 37.12 2.35
CA ASN A 255 -5.94 37.92 1.46
C ASN A 255 -5.79 37.52 0.00
N CYS A 256 -5.22 36.34 -0.25
CA CYS A 256 -4.97 35.83 -1.62
C CYS A 256 -3.87 36.54 -2.41
N ARG A 257 -3.22 37.55 -1.84
CA ARG A 257 -2.35 38.44 -2.65
C ARG A 257 -0.96 38.66 -2.07
N ASN A 258 -0.88 38.83 -0.77
CA ASN A 258 0.38 39.15 -0.11
C ASN A 258 0.72 38.13 0.95
N PRO A 259 2.01 38.00 1.29
CA PRO A 259 2.30 37.24 2.49
C PRO A 259 1.63 37.89 3.69
N ASN A 260 1.18 37.06 4.63
CA ASN A 260 0.35 37.53 5.74
C ASN A 260 1.15 38.10 6.91
N ASN A 261 2.48 38.00 6.85
CA ASN A 261 3.34 38.45 7.93
C ASN A 261 2.95 37.91 9.31
N GLU A 262 2.45 36.67 9.33
CA GLU A 262 2.12 35.99 10.57
C GLU A 262 3.04 34.79 10.74
N ARG A 263 3.99 34.88 11.67
CA ARG A 263 5.02 33.85 11.86
C ARG A 263 5.59 33.40 10.51
N GLY A 264 5.83 34.37 9.64
CA GLY A 264 6.11 34.11 8.24
C GLY A 264 7.43 33.43 7.97
N THR A 265 8.44 33.77 8.77
CA THR A 265 9.77 33.24 8.54
C THR A 265 9.80 31.72 8.81
N GLN A 266 10.68 31.03 8.10
CA GLN A 266 10.71 29.57 8.08
C GLN A 266 9.49 29.02 7.36
N GLY A 267 9.33 27.70 7.40
CA GLY A 267 8.29 27.05 6.62
C GLY A 267 8.50 25.54 6.54
N VAL A 268 7.70 24.92 5.69
CA VAL A 268 7.82 23.49 5.42
C VAL A 268 7.17 23.26 4.07
N LYS A 269 7.77 22.39 3.26
CA LYS A 269 7.19 22.04 1.99
C LYS A 269 5.79 21.45 2.22
N GLY A 270 4.87 21.84 1.34
CA GLY A 270 3.50 21.37 1.42
C GLY A 270 2.78 21.51 0.10
N TRP A 271 1.47 21.33 0.13
CA TRP A 271 0.66 21.31 -1.09
C TRP A 271 -0.79 21.70 -0.83
N ALA A 272 -1.48 22.00 -1.92
CA ALA A 272 -2.92 22.15 -1.91
C ALA A 272 -3.32 22.15 -3.36
N PHE A 273 -4.57 21.89 -3.66
CA PHE A 273 -5.07 22.09 -4.99
C PHE A 273 -6.49 22.62 -4.96
N ASP A 274 -6.87 23.27 -6.04
CA ASP A 274 -8.20 23.86 -6.18
C ASP A 274 -9.19 22.89 -6.75
N ASN A 275 -10.44 23.03 -6.33
CA ASN A 275 -11.55 22.44 -7.02
C ASN A 275 -12.67 23.47 -7.09
N GLY A 276 -12.81 24.11 -8.25
CA GLY A 276 -13.70 25.26 -8.38
C GLY A 276 -13.31 26.33 -7.37
N ASN A 277 -14.24 26.71 -6.49
CA ASN A 277 -13.98 27.71 -5.48
C ASN A 277 -13.37 27.14 -4.21
N ASP A 278 -13.37 25.82 -4.09
CA ASP A 278 -12.90 25.16 -2.88
C ASP A 278 -11.44 24.72 -2.99
N LEU A 279 -10.86 24.39 -1.84
CA LEU A 279 -9.45 24.04 -1.72
C LEU A 279 -9.30 22.73 -0.94
N TRP A 280 -8.58 21.76 -1.51
CA TRP A 280 -8.10 20.64 -0.70
C TRP A 280 -6.65 20.93 -0.30
N MET A 281 -6.33 20.72 0.97
CA MET A 281 -4.99 21.00 1.44
C MET A 281 -4.61 20.05 2.57
N GLY A 282 -3.31 19.98 2.84
CA GLY A 282 -2.80 19.31 4.03
C GLY A 282 -1.90 20.24 4.81
N ARG A 283 -1.57 19.85 6.03
CA ARG A 283 -0.64 20.61 6.85
C ARG A 283 -0.32 19.82 8.09
N THR A 284 0.66 20.29 8.83
CA THR A 284 0.98 19.70 10.11
C THR A 284 -0.15 20.04 11.07
N ILE A 285 -0.37 19.17 12.04
CA ILE A 285 -1.43 19.43 13.02
C ILE A 285 -0.94 20.48 14.00
N SER A 286 0.26 20.29 14.54
CA SER A 286 0.92 21.32 15.30
C SER A 286 1.15 22.54 14.40
N LYS A 287 1.04 23.73 14.97
CA LYS A 287 1.24 24.95 14.18
C LYS A 287 2.65 25.52 14.32
N GLU A 288 3.42 25.03 15.28
CA GLU A 288 4.80 25.48 15.50
C GLU A 288 5.83 24.42 15.06
N SER A 289 5.51 23.13 15.18
CA SER A 289 6.46 22.08 14.84
C SER A 289 5.94 21.08 13.80
N ARG A 290 6.86 20.29 13.26
CA ARG A 290 6.54 19.32 12.21
C ARG A 290 6.04 18.00 12.83
N SER A 291 4.85 18.12 13.41
CA SER A 291 4.22 17.07 14.19
C SER A 291 2.80 16.91 13.65
N GLY A 292 2.40 15.66 13.44
CA GLY A 292 1.08 15.35 12.94
C GLY A 292 0.92 15.75 11.50
N TYR A 293 -0.16 15.28 10.88
CA TYR A 293 -0.55 15.72 9.55
C TYR A 293 -2.04 15.52 9.34
N GLU A 294 -2.68 16.51 8.72
CA GLU A 294 -4.12 16.50 8.53
C GLU A 294 -4.44 17.04 7.15
N THR A 295 -5.51 16.53 6.55
CA THR A 295 -6.04 17.08 5.32
C THR A 295 -7.48 17.52 5.53
N PHE A 296 -7.95 18.43 4.69
CA PHE A 296 -9.36 18.84 4.67
C PHE A 296 -9.66 19.68 3.44
N LYS A 297 -10.95 19.79 3.13
CA LYS A 297 -11.41 20.72 2.13
C LYS A 297 -11.84 22.01 2.82
N VAL A 298 -11.41 23.15 2.27
CA VAL A 298 -11.85 24.46 2.75
C VAL A 298 -12.89 25.00 1.76
N ILE A 299 -14.11 25.21 2.22
CA ILE A 299 -15.18 25.73 1.38
C ILE A 299 -14.83 27.19 1.03
N GLY A 300 -14.81 27.51 -0.26
CA GLY A 300 -14.35 28.81 -0.74
C GLY A 300 -12.86 29.07 -0.52
N GLY A 301 -12.10 28.01 -0.17
CA GLY A 301 -10.69 28.14 0.17
C GLY A 301 -9.78 28.59 -0.96
N TRP A 302 -10.25 28.43 -2.19
CA TRP A 302 -9.52 28.92 -3.36
C TRP A 302 -9.93 30.33 -3.79
N SER A 303 -11.24 30.63 -3.76
CA SER A 303 -11.79 31.85 -4.34
C SER A 303 -12.11 32.96 -3.33
N THR A 304 -12.22 32.63 -2.05
CA THR A 304 -12.71 33.58 -1.05
C THR A 304 -11.65 33.94 -0.04
N PRO A 305 -11.18 35.20 -0.06
CA PRO A 305 -10.19 35.64 0.89
C PRO A 305 -10.56 35.25 2.31
N ASN A 306 -9.63 34.59 2.98
CA ASN A 306 -9.74 34.34 4.39
C ASN A 306 -10.84 33.34 4.84
N SER A 307 -11.38 32.54 3.91
CA SER A 307 -12.35 31.49 4.27
C SER A 307 -11.78 30.52 5.31
N LYS A 308 -12.60 30.18 6.30
CA LYS A 308 -12.17 29.28 7.36
C LYS A 308 -13.13 28.14 7.65
N SER A 309 -14.07 27.91 6.74
CA SER A 309 -15.02 26.82 6.92
C SER A 309 -14.51 25.55 6.24
N GLN A 310 -14.03 24.60 7.04
CA GLN A 310 -13.57 23.33 6.49
C GLN A 310 -14.60 22.23 6.60
N VAL A 311 -14.41 21.20 5.78
CA VAL A 311 -15.21 19.99 5.81
C VAL A 311 -14.35 18.80 5.33
N ASN A 312 -14.78 17.58 5.67
CA ASN A 312 -14.10 16.33 5.25
C ASN A 312 -12.66 16.22 5.73
N ARG A 313 -12.42 16.58 6.99
CA ARG A 313 -11.10 16.45 7.57
C ARG A 313 -10.72 14.97 7.72
N GLN A 314 -9.41 14.71 7.67
CA GLN A 314 -8.85 13.38 7.94
C GLN A 314 -7.50 13.53 8.63
N VAL A 315 -7.32 12.81 9.73
CA VAL A 315 -5.99 12.69 10.30
C VAL A 315 -5.21 11.70 9.43
N ILE A 316 -4.00 12.09 9.03
CA ILE A 316 -3.08 11.18 8.32
C ILE A 316 -2.07 10.67 9.32
N VAL A 317 -1.52 11.57 10.12
CA VAL A 317 -0.61 11.23 11.19
C VAL A 317 -1.05 12.01 12.41
N ASP A 318 -1.18 11.35 13.55
CA ASP A 318 -1.64 12.03 14.74
C ASP A 318 -0.54 12.91 15.30
N ASN A 319 -0.94 13.83 16.18
CA ASN A 319 -0.05 14.88 16.64
C ASN A 319 0.95 14.42 17.68
N ASN A 320 0.89 13.16 18.08
CA ASN A 320 1.94 12.56 18.89
C ASN A 320 3.12 12.06 18.05
N ASN A 321 3.00 12.14 16.73
CA ASN A 321 4.02 11.59 15.83
C ASN A 321 4.61 12.62 14.86
N TRP A 322 5.89 12.45 14.53
CA TRP A 322 6.61 13.38 13.67
C TRP A 322 6.21 13.25 12.22
N SER A 323 5.99 14.39 11.57
CA SER A 323 5.75 14.41 10.13
C SER A 323 6.94 15.13 9.46
N GLY A 324 6.68 15.94 8.44
CA GLY A 324 7.70 16.72 7.76
C GLY A 324 7.17 17.24 6.45
N TYR A 325 7.97 17.13 5.39
CA TYR A 325 7.56 17.61 4.07
C TYR A 325 6.35 16.85 3.54
N SER A 326 5.66 17.47 2.59
CA SER A 326 4.58 16.81 1.88
C SER A 326 4.49 17.42 0.51
N GLY A 327 4.01 16.63 -0.44
CA GLY A 327 3.89 17.13 -1.78
C GLY A 327 2.84 16.37 -2.50
N ILE A 328 2.44 16.93 -3.64
CA ILE A 328 1.40 16.38 -4.47
C ILE A 328 2.01 15.58 -5.61
N PHE A 329 1.25 14.62 -6.12
CA PHE A 329 1.56 14.02 -7.42
C PHE A 329 0.26 13.64 -8.08
N SER A 330 0.26 13.61 -9.40
CA SER A 330 -0.95 13.40 -10.16
C SER A 330 -0.88 12.09 -10.95
N VAL A 331 -2.01 11.39 -10.98
CA VAL A 331 -2.12 10.07 -11.57
C VAL A 331 -3.28 10.07 -12.56
N GLU A 332 -2.99 9.79 -13.82
CA GLU A 332 -4.02 9.81 -14.86
C GLU A 332 -4.90 8.57 -14.78
N GLY A 333 -6.20 8.78 -14.80
CA GLY A 333 -7.18 7.70 -14.77
C GLY A 333 -7.82 7.55 -16.13
N LYS A 334 -8.76 6.61 -16.21
CA LYS A 334 -9.48 6.36 -17.45
C LYS A 334 -10.20 7.62 -17.95
N SER A 335 -10.81 8.37 -17.04
N SER A 335 -10.80 8.39 -17.05
CA SER A 335 -11.61 9.55 -17.40
CA SER A 335 -11.56 9.58 -17.46
C SER A 335 -11.14 10.87 -16.77
C SER A 335 -11.24 10.87 -16.70
N CYS A 336 -10.39 10.81 -15.68
CA CYS A 336 -9.98 12.01 -14.94
C CYS A 336 -8.59 11.90 -14.35
N ILE A 337 -8.04 13.05 -13.97
CA ILE A 337 -6.75 13.14 -13.33
C ILE A 337 -6.96 13.22 -11.82
N ASN A 338 -6.39 12.27 -11.10
CA ASN A 338 -6.54 12.20 -9.66
C ASN A 338 -5.35 12.87 -9.00
N ARG A 339 -5.55 13.39 -7.78
CA ARG A 339 -4.48 13.97 -7.00
C ARG A 339 -4.15 13.08 -5.83
N CYS A 340 -2.85 12.81 -5.64
CA CYS A 340 -2.37 12.05 -4.50
C CYS A 340 -1.36 12.90 -3.78
N PHE A 341 -0.99 12.48 -2.58
CA PHE A 341 0.08 13.15 -1.86
C PHE A 341 0.88 12.19 -1.00
N TYR A 342 2.10 12.59 -0.64
CA TYR A 342 2.95 11.84 0.25
C TYR A 342 3.24 12.68 1.46
N VAL A 343 3.55 12.02 2.57
CA VAL A 343 4.05 12.70 3.73
C VAL A 343 5.36 12.06 4.14
N GLU A 344 6.38 12.91 4.31
CA GLU A 344 7.67 12.53 4.83
C GLU A 344 7.58 12.45 6.33
N LEU A 345 8.04 11.35 6.89
CA LEU A 345 7.96 11.12 8.32
C LEU A 345 9.36 11.11 8.89
N ILE A 346 9.77 12.25 9.44
CA ILE A 346 11.14 12.48 9.82
C ILE A 346 11.41 11.91 11.18
N ARG A 347 12.50 11.16 11.30
CA ARG A 347 12.92 10.62 12.57
C ARG A 347 14.38 10.99 12.80
N GLY A 348 14.76 11.03 14.07
CA GLY A 348 16.09 11.46 14.45
C GLY A 348 16.14 12.97 14.63
N ARG A 349 17.27 13.56 14.26
CA ARG A 349 17.55 14.95 14.61
C ARG A 349 16.81 15.95 13.73
N PRO A 350 16.53 17.15 14.27
CA PRO A 350 16.91 17.63 15.60
C PRO A 350 16.01 17.19 16.75
N GLN A 351 14.83 16.63 16.48
CA GLN A 351 13.85 16.38 17.55
C GLN A 351 14.23 15.24 18.48
N GLU A 352 14.88 14.21 17.95
CA GLU A 352 15.18 13.00 18.71
C GLU A 352 16.69 12.80 18.79
N THR A 353 17.26 13.15 19.94
CA THR A 353 18.70 13.26 20.08
C THR A 353 19.36 11.98 20.62
N ARG A 354 18.57 10.97 20.96
CA ARG A 354 19.14 9.65 21.30
C ARG A 354 20.02 9.13 20.15
N VAL A 355 19.59 9.40 18.91
CA VAL A 355 20.34 9.02 17.72
C VAL A 355 21.04 10.24 17.12
N TRP A 356 22.09 10.00 16.32
CA TRP A 356 22.87 11.07 15.72
C TRP A 356 22.59 11.27 14.24
N TRP A 357 21.63 10.53 13.71
CA TRP A 357 21.24 10.64 12.31
C TRP A 357 19.90 11.36 12.15
N THR A 358 19.55 11.63 10.90
CA THR A 358 18.24 12.12 10.53
C THR A 358 17.86 11.32 9.31
N SER A 359 16.71 10.66 9.35
CA SER A 359 16.20 9.96 8.16
C SER A 359 14.68 10.07 8.16
N ASN A 360 14.03 9.43 7.20
CA ASN A 360 12.58 9.43 7.13
C ASN A 360 12.01 8.17 6.48
N SER A 361 10.74 7.90 6.81
CA SER A 361 9.91 7.02 6.02
C SER A 361 8.81 7.85 5.36
N ILE A 362 7.99 7.20 4.54
CA ILE A 362 6.87 7.89 3.90
C ILE A 362 5.55 7.15 4.11
N VAL A 363 4.47 7.89 3.93
CA VAL A 363 3.11 7.34 3.82
C VAL A 363 2.42 8.11 2.71
N VAL A 364 1.57 7.44 1.96
CA VAL A 364 1.05 7.98 0.74
C VAL A 364 -0.45 7.74 0.66
N PHE A 365 -1.18 8.77 0.27
CA PHE A 365 -2.63 8.69 0.10
C PHE A 365 -3.01 9.20 -1.28
N CYS A 366 -4.09 8.67 -1.83
CA CYS A 366 -4.64 9.14 -3.10
C CYS A 366 -6.10 9.58 -2.94
N GLY A 367 -6.48 10.59 -3.72
CA GLY A 367 -7.86 11.01 -3.77
C GLY A 367 -8.77 9.85 -4.09
N THR A 368 -9.95 9.85 -3.50
CA THR A 368 -10.99 8.86 -3.80
C THR A 368 -12.34 9.54 -3.99
N SER A 369 -13.19 8.96 -4.84
CA SER A 369 -14.56 9.41 -4.99
C SER A 369 -15.53 8.55 -4.17
N GLY A 370 -14.98 7.66 -3.34
CA GLY A 370 -15.75 6.71 -2.56
C GLY A 370 -15.80 7.14 -1.11
N THR A 371 -15.78 6.19 -0.20
CA THR A 371 -15.83 6.51 1.23
C THR A 371 -14.65 5.89 1.94
N TYR A 372 -14.53 6.21 3.22
CA TYR A 372 -13.36 5.89 3.99
C TYR A 372 -13.69 6.09 5.46
N GLY A 373 -12.77 5.67 6.31
CA GLY A 373 -12.94 5.81 7.77
C GLY A 373 -11.87 6.71 8.37
N THR A 374 -11.27 6.25 9.46
CA THR A 374 -10.24 7.01 10.14
C THR A 374 -9.04 6.11 10.48
N GLY A 375 -7.96 6.75 10.89
CA GLY A 375 -6.75 6.07 11.33
C GLY A 375 -5.61 7.03 11.56
N SER A 376 -4.44 6.49 11.86
CA SER A 376 -3.20 7.25 11.97
C SER A 376 -2.05 6.35 11.52
N TRP A 377 -1.26 6.84 10.56
CA TRP A 377 -0.21 6.04 9.93
C TRP A 377 1.15 6.70 10.06
N PRO A 378 1.69 6.72 11.29
CA PRO A 378 2.97 7.36 11.52
C PRO A 378 4.14 6.45 11.10
N ASP A 379 5.37 6.92 11.33
CA ASP A 379 6.57 6.17 10.96
C ASP A 379 6.55 4.81 11.65
N GLY A 380 6.43 4.81 12.98
CA GLY A 380 6.21 3.59 13.74
C GLY A 380 7.42 3.01 14.42
N ALA A 381 8.59 3.62 14.22
CA ALA A 381 9.78 3.12 14.87
C ALA A 381 9.82 3.56 16.33
N ASN A 382 10.39 2.71 17.18
CA ASN A 382 10.70 3.02 18.54
C ASN A 382 12.15 3.52 18.52
N ILE A 383 12.33 4.80 18.87
CA ILE A 383 13.63 5.43 18.79
C ILE A 383 14.63 4.71 19.67
N ASN A 384 14.12 4.08 20.74
CA ASN A 384 14.97 3.35 21.66
C ASN A 384 15.50 2.03 21.10
N PHE A 385 14.89 1.53 20.03
CA PHE A 385 15.34 0.31 19.37
C PHE A 385 16.34 0.59 18.25
N MET A 386 16.55 1.85 17.91
CA MET A 386 17.37 2.18 16.74
C MET A 386 18.85 2.17 17.05
N PRO A 387 19.68 1.77 16.07
CA PRO A 387 21.10 2.09 16.17
C PRO A 387 21.27 3.61 16.29
N ILE A 388 22.18 4.06 17.14
CA ILE A 388 22.37 5.50 17.34
C ILE A 388 23.25 6.11 16.25
N VAL B 1 -3.85 -8.45 -24.88
CA VAL B 1 -4.26 -9.01 -23.56
C VAL B 1 -5.80 -9.00 -23.42
N GLU B 2 -6.35 -10.10 -22.92
CA GLU B 2 -7.79 -10.32 -22.83
C GLU B 2 -8.19 -10.61 -21.38
N TYR B 3 -9.47 -10.41 -21.06
CA TYR B 3 -9.98 -10.79 -19.74
C TYR B 3 -10.02 -12.31 -19.56
N ARG B 4 -9.67 -12.77 -18.37
CA ARG B 4 -9.89 -14.17 -17.98
C ARG B 4 -11.39 -14.46 -17.86
N ASN B 5 -11.82 -15.59 -18.42
CA ASN B 5 -13.18 -16.11 -18.19
C ASN B 5 -13.22 -17.37 -17.33
N TRP B 6 -12.08 -18.06 -17.20
CA TRP B 6 -12.02 -19.36 -16.54
C TRP B 6 -13.07 -20.37 -17.07
N SER B 7 -13.42 -20.24 -18.34
CA SER B 7 -14.48 -21.07 -18.92
C SER B 7 -13.87 -22.34 -19.46
N LYS B 8 -13.26 -23.10 -18.57
CA LYS B 8 -12.79 -24.44 -18.88
C LYS B 8 -13.22 -25.37 -17.76
N PRO B 9 -13.35 -26.67 -18.06
CA PRO B 9 -13.67 -27.62 -17.02
C PRO B 9 -12.57 -27.67 -15.98
N GLN B 10 -12.94 -28.08 -14.77
CA GLN B 10 -11.98 -28.29 -13.70
C GLN B 10 -11.14 -29.53 -14.04
N CYS B 11 -9.84 -29.44 -13.76
CA CYS B 11 -8.93 -30.57 -14.02
C CYS B 11 -9.31 -31.72 -13.10
N GLN B 12 -9.45 -32.91 -13.67
CA GLN B 12 -9.65 -34.11 -12.87
C GLN B 12 -8.32 -34.47 -12.25
N ILE B 13 -8.29 -34.59 -10.94
CA ILE B 13 -7.06 -34.83 -10.22
C ILE B 13 -7.13 -36.08 -9.34
N THR B 14 -5.95 -36.58 -8.96
CA THR B 14 -5.79 -37.78 -8.15
C THR B 14 -5.25 -37.44 -6.77
N GLY B 15 -4.97 -36.16 -6.58
CA GLY B 15 -4.27 -35.67 -5.40
C GLY B 15 -3.49 -34.43 -5.76
N PHE B 16 -2.48 -34.12 -4.95
CA PHE B 16 -1.68 -32.92 -5.14
C PHE B 16 -0.18 -33.24 -5.14
N ALA B 17 0.57 -32.50 -5.96
CA ALA B 17 2.03 -32.62 -6.04
C ALA B 17 2.74 -31.37 -5.48
N PRO B 18 3.90 -31.55 -4.84
CA PRO B 18 4.66 -30.40 -4.30
C PRO B 18 4.95 -29.34 -5.36
N PHE B 19 4.89 -28.07 -4.98
CA PHE B 19 5.01 -26.96 -5.94
C PHE B 19 5.98 -25.85 -5.49
N SER B 20 5.83 -25.37 -4.25
CA SER B 20 6.76 -24.34 -3.77
C SER B 20 6.90 -24.38 -2.28
N LYS B 21 7.96 -23.75 -1.79
CA LYS B 21 8.22 -23.64 -0.35
C LYS B 21 9.22 -22.53 -0.18
N ASP B 22 9.07 -21.68 0.85
CA ASP B 22 9.95 -20.51 0.93
C ASP B 22 10.95 -20.46 2.07
N ASN B 23 10.80 -21.32 3.06
CA ASN B 23 11.78 -21.43 4.15
C ASN B 23 12.05 -20.13 4.91
N SER B 24 11.04 -19.24 4.95
CA SER B 24 11.20 -17.89 5.53
C SER B 24 11.84 -17.86 6.89
N ILE B 25 11.40 -18.74 7.77
CA ILE B 25 11.83 -18.67 9.16
C ILE B 25 13.24 -19.22 9.31
N ARG B 26 13.56 -20.29 8.58
CA ARG B 26 14.93 -20.80 8.58
C ARG B 26 15.87 -19.68 8.09
N LEU B 27 15.47 -19.00 7.03
CA LEU B 27 16.25 -17.91 6.46
C LEU B 27 16.37 -16.72 7.41
N SER B 28 15.28 -16.41 8.15
CA SER B 28 15.24 -15.28 9.10
C SER B 28 16.30 -15.35 10.18
N ALA B 29 16.80 -16.55 10.46
CA ALA B 29 17.86 -16.73 11.46
C ALA B 29 19.25 -16.38 10.92
N GLY B 30 19.35 -16.07 9.63
CA GLY B 30 20.63 -15.63 9.04
C GLY B 30 20.36 -14.82 7.80
N GLY B 31 19.73 -13.66 8.00
CA GLY B 31 19.23 -12.85 6.90
C GLY B 31 18.13 -11.89 7.35
N ASP B 32 17.91 -10.84 6.56
CA ASP B 32 16.91 -9.84 6.90
C ASP B 32 15.62 -10.18 6.15
N ILE B 33 14.69 -10.76 6.89
CA ILE B 33 13.47 -11.29 6.29
C ILE B 33 12.27 -10.70 7.02
N TRP B 34 11.24 -10.33 6.26
CA TRP B 34 10.03 -9.72 6.82
C TRP B 34 9.28 -10.64 7.78
N VAL B 35 8.80 -10.07 8.87
CA VAL B 35 7.80 -10.76 9.69
C VAL B 35 6.46 -10.68 8.95
N THR B 36 5.78 -11.81 8.81
CA THR B 36 4.50 -11.87 8.09
C THR B 36 3.45 -12.75 8.79
N ARG B 37 2.22 -12.64 8.31
CA ARG B 37 1.19 -13.67 8.50
C ARG B 37 0.16 -13.45 7.41
N GLU B 38 -0.86 -14.30 7.40
CA GLU B 38 -1.92 -14.26 6.42
C GLU B 38 -1.39 -14.29 4.98
N PRO B 39 -0.53 -15.27 4.66
CA PRO B 39 -0.05 -15.40 3.27
C PRO B 39 -1.09 -15.93 2.32
N TYR B 40 -0.87 -15.73 1.04
CA TYR B 40 -1.62 -16.45 0.02
C TYR B 40 -0.86 -16.42 -1.29
N VAL B 41 -1.43 -17.06 -2.30
CA VAL B 41 -0.81 -17.14 -3.60
C VAL B 41 -1.86 -16.81 -4.64
N SER B 42 -1.44 -16.10 -5.69
CA SER B 42 -2.28 -15.86 -6.86
C SER B 42 -1.39 -15.68 -8.07
N CYS B 43 -1.85 -16.11 -9.24
CA CYS B 43 -1.05 -16.05 -10.44
C CYS B 43 -1.73 -15.20 -11.49
N ASP B 44 -0.95 -14.40 -12.21
CA ASP B 44 -1.41 -13.84 -13.48
C ASP B 44 -1.30 -14.93 -14.55
N PRO B 45 -1.66 -14.63 -15.81
CA PRO B 45 -1.61 -15.69 -16.83
C PRO B 45 -0.26 -16.34 -17.12
N GLY B 46 0.83 -15.70 -16.69
CA GLY B 46 2.18 -16.20 -16.93
C GLY B 46 2.85 -16.83 -15.72
N LYS B 47 2.73 -16.18 -14.56
CA LYS B 47 3.43 -16.65 -13.36
C LYS B 47 2.71 -16.39 -12.04
N CYS B 48 3.18 -17.08 -11.00
CA CYS B 48 2.58 -17.02 -9.69
C CYS B 48 3.35 -16.12 -8.74
N TYR B 49 2.62 -15.57 -7.77
CA TYR B 49 3.18 -14.68 -6.77
C TYR B 49 2.76 -15.10 -5.40
N GLN B 50 3.65 -15.00 -4.43
CA GLN B 50 3.25 -15.12 -3.06
C GLN B 50 3.00 -13.73 -2.46
N PHE B 51 2.01 -13.68 -1.57
CA PHE B 51 1.61 -12.47 -0.88
C PHE B 51 1.60 -12.76 0.60
N ALA B 52 1.75 -11.72 1.41
CA ALA B 52 1.55 -11.82 2.84
C ALA B 52 1.45 -10.43 3.45
N LEU B 53 0.88 -10.39 4.64
CA LEU B 53 0.77 -9.16 5.39
C LEU B 53 2.00 -9.00 6.25
N GLY B 54 2.83 -8.03 5.89
CA GLY B 54 3.98 -7.68 6.70
C GLY B 54 3.55 -7.08 8.01
N GLN B 55 4.50 -7.02 8.94
CA GLN B 55 4.31 -6.37 10.22
C GLN B 55 5.21 -5.13 10.30
N GLY B 56 5.59 -4.57 9.15
CA GLY B 56 6.44 -3.37 9.11
C GLY B 56 7.80 -3.56 9.77
N THR B 57 8.30 -4.78 9.78
CA THR B 57 9.57 -5.09 10.43
C THR B 57 10.15 -6.40 9.90
N THR B 58 11.46 -6.56 10.06
CA THR B 58 12.09 -7.85 9.83
C THR B 58 12.05 -8.63 11.14
N LEU B 59 12.39 -9.92 11.06
CA LEU B 59 12.35 -10.79 12.24
C LEU B 59 13.48 -10.50 13.20
N ASP B 60 14.70 -10.42 12.67
CA ASP B 60 15.86 -10.11 13.52
C ASP B 60 15.94 -8.59 13.65
N ASN B 61 15.13 -8.07 14.57
CA ASN B 61 14.73 -6.67 14.63
C ASN B 61 13.88 -6.56 15.90
N LYS B 62 14.25 -5.66 16.81
CA LYS B 62 13.48 -5.47 18.05
C LYS B 62 12.00 -5.14 17.84
N HIS B 63 11.67 -4.58 16.69
CA HIS B 63 10.28 -4.32 16.32
C HIS B 63 9.47 -5.60 16.06
N SER B 64 10.14 -6.75 16.03
CA SER B 64 9.44 -8.03 15.87
C SER B 64 8.64 -8.35 17.14
N ASN B 65 9.08 -7.82 18.28
CA ASN B 65 8.41 -8.08 19.54
C ASN B 65 6.97 -7.57 19.54
N GLY B 66 6.03 -8.45 19.85
CA GLY B 66 4.62 -8.08 19.95
C GLY B 66 3.83 -8.30 18.68
N THR B 67 4.46 -8.91 17.67
CA THR B 67 3.81 -9.11 16.39
C THR B 67 2.74 -10.23 16.33
N VAL B 68 2.42 -10.85 17.47
CA VAL B 68 1.21 -11.68 17.53
C VAL B 68 -0.07 -10.86 17.30
N HIS B 69 0.00 -9.57 17.66
CA HIS B 69 -1.15 -8.67 17.50
CA HIS B 69 -1.11 -8.61 17.50
C HIS B 69 -1.48 -8.45 16.01
N ASP B 70 -2.77 -8.44 15.70
CA ASP B 70 -3.26 -8.49 14.31
C ASP B 70 -3.21 -7.20 13.47
N ARG B 71 -3.42 -6.06 14.10
CA ARG B 71 -3.70 -4.84 13.35
C ARG B 71 -2.88 -3.69 13.90
N ILE B 72 -1.94 -3.23 13.09
CA ILE B 72 -1.23 -2.00 13.33
C ILE B 72 -1.22 -1.25 12.00
N PRO B 73 -0.98 0.07 12.02
CA PRO B 73 -0.93 0.85 10.77
C PRO B 73 0.26 0.52 9.85
N HIS B 74 1.24 -0.18 10.39
CA HIS B 74 2.48 -0.44 9.70
C HIS B 74 2.44 -1.71 8.84
N ARG B 75 1.34 -2.47 8.95
CA ARG B 75 1.17 -3.65 8.13
C ARG B 75 0.87 -3.25 6.71
N THR B 76 1.58 -3.89 5.78
CA THR B 76 1.43 -3.64 4.35
C THR B 76 1.41 -4.96 3.61
N LEU B 77 0.81 -4.98 2.43
CA LEU B 77 0.77 -6.18 1.62
C LEU B 77 2.06 -6.35 0.81
N LEU B 78 2.77 -7.43 1.11
CA LEU B 78 3.98 -7.83 0.37
C LEU B 78 3.60 -8.68 -0.84
N MET B 79 4.32 -8.49 -1.94
CA MET B 79 4.11 -9.26 -3.16
C MET B 79 5.44 -9.57 -3.88
N ASN B 80 5.84 -10.84 -3.87
CA ASN B 80 7.00 -11.37 -4.63
C ASN B 80 6.57 -12.48 -5.58
N GLU B 81 7.41 -12.77 -6.56
CA GLU B 81 7.28 -14.01 -7.33
C GLU B 81 7.32 -15.19 -6.37
N LEU B 82 6.50 -16.20 -6.64
CA LEU B 82 6.42 -17.39 -5.77
C LEU B 82 7.78 -18.07 -5.66
N GLY B 83 8.23 -18.32 -4.43
CA GLY B 83 9.55 -18.88 -4.17
C GLY B 83 10.62 -17.86 -3.79
N VAL B 84 10.37 -16.58 -4.05
CA VAL B 84 11.25 -15.51 -3.59
C VAL B 84 10.82 -15.14 -2.18
N PRO B 85 11.66 -15.44 -1.19
CA PRO B 85 11.24 -15.13 0.16
C PRO B 85 11.16 -13.62 0.37
N PHE B 86 10.59 -13.19 1.50
CA PHE B 86 10.33 -11.76 1.74
C PHE B 86 11.54 -11.05 2.31
N HIS B 87 12.45 -10.75 1.39
CA HIS B 87 13.70 -10.03 1.66
C HIS B 87 13.44 -8.50 1.54
N LEU B 88 14.47 -7.70 1.80
CA LEU B 88 14.29 -6.25 1.92
C LEU B 88 13.98 -5.51 0.62
N GLY B 89 14.10 -6.19 -0.50
CA GLY B 89 13.74 -5.65 -1.79
C GLY B 89 12.31 -5.98 -2.17
N THR B 90 11.57 -6.64 -1.29
CA THR B 90 10.16 -6.94 -1.51
C THR B 90 9.34 -5.65 -1.62
N ARG B 91 8.45 -5.60 -2.61
CA ARG B 91 7.55 -4.45 -2.75
C ARG B 91 6.32 -4.54 -1.85
N GLN B 92 6.11 -3.48 -1.08
CA GLN B 92 4.90 -3.28 -0.30
C GLN B 92 3.83 -2.64 -1.19
N VAL B 93 2.88 -3.47 -1.62
CA VAL B 93 1.86 -3.10 -2.59
C VAL B 93 0.83 -2.07 -2.08
N CYS B 94 0.58 -2.07 -0.77
CA CYS B 94 -0.45 -1.18 -0.20
C CYS B 94 -0.40 -1.26 1.31
N ILE B 95 -1.23 -0.47 1.98
CA ILE B 95 -1.31 -0.51 3.43
C ILE B 95 -2.44 -1.48 3.74
N ALA B 96 -2.17 -2.48 4.57
CA ALA B 96 -3.17 -3.54 4.81
C ALA B 96 -2.90 -4.35 6.06
N TRP B 97 -3.89 -4.45 6.95
CA TRP B 97 -3.90 -5.52 7.95
C TRP B 97 -4.95 -6.58 7.60
N SER B 98 -5.48 -6.51 6.39
CA SER B 98 -6.31 -7.56 5.80
C SER B 98 -6.39 -7.25 4.33
N SER B 99 -6.38 -8.28 3.48
CA SER B 99 -6.28 -8.07 2.03
C SER B 99 -6.78 -9.21 1.18
N SER B 100 -6.93 -8.90 -0.11
CA SER B 100 -7.20 -9.89 -1.13
C SER B 100 -6.68 -9.33 -2.43
N SER B 101 -6.18 -10.20 -3.32
CA SER B 101 -5.67 -9.76 -4.64
C SER B 101 -6.03 -10.77 -5.71
N CYS B 102 -6.18 -10.29 -6.93
CA CYS B 102 -6.44 -11.15 -8.07
C CYS B 102 -6.11 -10.40 -9.35
N HIS B 103 -5.90 -11.16 -10.41
CA HIS B 103 -5.57 -10.63 -11.73
C HIS B 103 -6.70 -10.99 -12.66
N ASP B 104 -7.19 -10.04 -13.45
CA ASP B 104 -8.35 -10.26 -14.32
C ASP B 104 -8.02 -10.62 -15.77
N GLY B 105 -6.74 -10.85 -16.02
CA GLY B 105 -6.24 -11.14 -17.36
C GLY B 105 -5.48 -9.95 -17.93
N LYS B 106 -5.71 -8.77 -17.37
CA LYS B 106 -5.10 -7.52 -17.84
C LYS B 106 -4.22 -6.88 -16.78
N ALA B 107 -4.71 -6.81 -15.55
CA ALA B 107 -3.97 -6.15 -14.49
C ALA B 107 -4.35 -6.72 -13.14
N TRP B 108 -3.57 -6.35 -12.12
CA TRP B 108 -3.80 -6.76 -10.75
C TRP B 108 -4.79 -5.83 -10.04
N LEU B 109 -5.70 -6.44 -9.28
CA LEU B 109 -6.53 -5.74 -8.32
C LEU B 109 -6.02 -6.13 -6.95
N HIS B 110 -5.89 -5.16 -6.06
CA HIS B 110 -5.60 -5.40 -4.67
C HIS B 110 -6.65 -4.69 -3.82
N VAL B 111 -7.16 -5.42 -2.84
CA VAL B 111 -8.13 -4.93 -1.89
C VAL B 111 -7.39 -4.86 -0.59
N CYS B 112 -7.24 -3.64 -0.06
CA CYS B 112 -6.38 -3.42 1.09
C CYS B 112 -7.09 -2.64 2.18
N ILE B 113 -7.07 -3.19 3.40
CA ILE B 113 -7.85 -2.64 4.50
C ILE B 113 -6.95 -2.29 5.66
N THR B 114 -7.07 -1.05 6.13
CA THR B 114 -6.25 -0.53 7.21
C THR B 114 -7.02 0.54 7.98
N GLY B 115 -6.44 1.01 9.09
CA GLY B 115 -7.05 2.07 9.88
C GLY B 115 -7.65 1.57 11.18
N ASP B 116 -8.47 2.42 11.81
CA ASP B 116 -9.10 2.11 13.10
C ASP B 116 -10.04 0.89 13.02
N ASP B 117 -10.04 0.07 14.07
CA ASP B 117 -10.96 -1.08 14.15
C ASP B 117 -12.41 -0.66 13.89
N LYS B 118 -12.83 0.39 14.58
CA LYS B 118 -14.21 0.89 14.49
C LYS B 118 -14.53 1.66 13.22
N ASN B 119 -13.53 1.93 12.38
CA ASN B 119 -13.77 2.82 11.23
C ASN B 119 -12.68 2.66 10.18
N ALA B 120 -12.53 1.42 9.68
CA ALA B 120 -11.44 1.08 8.77
C ALA B 120 -11.77 1.54 7.37
N THR B 121 -10.74 1.59 6.52
CA THR B 121 -10.88 1.92 5.12
C THR B 121 -10.36 0.78 4.25
N ALA B 122 -11.14 0.42 3.25
CA ALA B 122 -10.71 -0.52 2.23
C ALA B 122 -10.39 0.26 0.96
N SER B 123 -9.14 0.18 0.49
CA SER B 123 -8.77 0.76 -0.81
C SER B 123 -8.77 -0.28 -1.92
N PHE B 124 -9.16 0.15 -3.11
CA PHE B 124 -9.16 -0.71 -4.27
C PHE B 124 -8.18 -0.17 -5.30
N ILE B 125 -7.07 -0.89 -5.47
CA ILE B 125 -5.99 -0.48 -6.36
C ILE B 125 -5.96 -1.40 -7.57
N TYR B 126 -6.07 -0.80 -8.76
CA TYR B 126 -6.13 -1.55 -10.00
C TYR B 126 -5.12 -0.96 -10.97
N ASP B 127 -4.33 -1.84 -11.58
CA ASP B 127 -3.31 -1.44 -12.54
C ASP B 127 -2.41 -0.32 -11.99
N GLY B 128 -2.01 -0.48 -10.73
CA GLY B 128 -1.09 0.44 -10.08
C GLY B 128 -1.64 1.79 -9.62
N ARG B 129 -2.96 1.98 -9.62
CA ARG B 129 -3.53 3.24 -9.16
C ARG B 129 -4.83 3.07 -8.34
N LEU B 130 -5.01 3.92 -7.34
CA LEU B 130 -6.19 3.84 -6.48
C LEU B 130 -7.40 4.24 -7.28
N VAL B 131 -8.38 3.35 -7.38
CA VAL B 131 -9.59 3.61 -8.16
C VAL B 131 -10.84 3.81 -7.29
N ASP B 132 -10.90 3.15 -6.14
CA ASP B 132 -12.08 3.27 -5.29
C ASP B 132 -11.72 3.01 -3.85
N SER B 133 -12.66 3.31 -2.96
CA SER B 133 -12.52 2.99 -1.54
C SER B 133 -13.89 2.91 -0.87
N ILE B 134 -13.96 2.22 0.26
CA ILE B 134 -15.18 2.14 1.02
C ILE B 134 -14.86 2.09 2.48
N GLY B 135 -15.63 2.83 3.27
CA GLY B 135 -15.49 2.80 4.72
C GLY B 135 -16.28 1.65 5.33
N SER B 136 -15.96 1.36 6.58
CA SER B 136 -16.63 0.37 7.40
C SER B 136 -18.14 0.62 7.48
N TRP B 137 -18.93 -0.44 7.28
CA TRP B 137 -20.39 -0.33 7.35
C TRP B 137 -21.00 -0.79 8.68
N SER B 138 -20.22 -1.46 9.52
CA SER B 138 -20.69 -1.89 10.83
C SER B 138 -19.79 -1.47 11.95
N GLN B 139 -18.76 -0.67 11.64
CA GLN B 139 -17.89 -0.11 12.67
C GLN B 139 -17.25 -1.17 13.58
N ASN B 140 -16.93 -2.32 13.01
CA ASN B 140 -16.31 -3.40 13.76
C ASN B 140 -15.41 -4.29 12.88
N ILE B 141 -14.22 -3.75 12.60
CA ILE B 141 -13.14 -4.44 11.90
C ILE B 141 -13.55 -4.97 10.53
N LEU B 142 -13.83 -4.05 9.62
CA LEU B 142 -14.04 -4.40 8.23
C LEU B 142 -12.86 -5.27 7.79
N ARG B 143 -13.13 -6.34 7.07
CA ARG B 143 -12.11 -7.35 6.80
C ARG B 143 -12.48 -8.19 5.59
N THR B 144 -11.49 -8.89 5.01
CA THR B 144 -11.72 -9.67 3.79
C THR B 144 -10.98 -11.03 3.76
N GLN B 145 -10.77 -11.59 2.57
CA GLN B 145 -10.49 -13.03 2.41
C GLN B 145 -9.14 -13.54 2.91
N GLU B 146 -8.09 -12.71 2.82
CA GLU B 146 -6.71 -13.16 3.02
C GLU B 146 -6.32 -14.29 2.04
N SER B 147 -6.96 -14.31 0.87
CA SER B 147 -6.56 -15.16 -0.25
C SER B 147 -7.06 -14.48 -1.52
N GLU B 148 -6.88 -15.12 -2.68
CA GLU B 148 -7.16 -14.44 -3.93
C GLU B 148 -8.65 -14.21 -4.18
N CYS B 149 -8.95 -13.08 -4.82
CA CYS B 149 -10.29 -12.81 -5.33
C CYS B 149 -10.36 -13.45 -6.71
N VAL B 150 -11.52 -13.35 -7.36
CA VAL B 150 -11.72 -14.06 -8.61
C VAL B 150 -12.41 -13.16 -9.60
N CYS B 151 -11.93 -13.15 -10.84
CA CYS B 151 -12.47 -12.27 -11.88
C CYS B 151 -12.91 -13.06 -13.09
N ILE B 152 -14.08 -12.73 -13.62
CA ILE B 152 -14.59 -13.32 -14.86
C ILE B 152 -15.05 -12.18 -15.76
N ASN B 153 -14.60 -12.20 -17.00
CA ASN B 153 -14.97 -11.21 -18.01
C ASN B 153 -14.83 -9.75 -17.55
N GLY B 154 -13.86 -9.48 -16.68
CA GLY B 154 -13.54 -8.13 -16.26
C GLY B 154 -14.19 -7.69 -14.96
N THR B 155 -14.99 -8.58 -14.36
CA THR B 155 -15.62 -8.30 -13.08
C THR B 155 -14.97 -9.18 -12.04
N CYS B 156 -14.33 -8.57 -11.04
CA CYS B 156 -13.75 -9.30 -9.93
C CYS B 156 -14.71 -9.26 -8.74
N THR B 157 -14.80 -10.36 -8.00
CA THR B 157 -15.64 -10.39 -6.82
C THR B 157 -14.81 -10.70 -5.59
N VAL B 158 -15.25 -10.15 -4.47
CA VAL B 158 -14.55 -10.34 -3.22
C VAL B 158 -15.55 -10.27 -2.06
N VAL B 159 -15.28 -11.05 -1.02
CA VAL B 159 -16.18 -11.20 0.09
C VAL B 159 -15.57 -10.47 1.27
N MET B 160 -16.37 -9.60 1.89
CA MET B 160 -15.93 -8.82 3.03
C MET B 160 -16.94 -8.93 4.17
N THR B 161 -16.44 -8.87 5.40
CA THR B 161 -17.28 -8.93 6.57
C THR B 161 -16.96 -7.72 7.46
N ASP B 162 -17.96 -7.27 8.21
CA ASP B 162 -17.84 -6.17 9.19
C ASP B 162 -18.80 -6.51 10.33
N GLY B 163 -18.30 -6.56 11.56
CA GLY B 163 -19.14 -6.93 12.68
C GLY B 163 -18.46 -7.93 13.60
N SER B 164 -19.25 -8.54 14.48
CA SER B 164 -18.71 -9.43 15.50
C SER B 164 -18.03 -10.65 14.89
N ALA B 165 -16.99 -11.10 15.56
CA ALA B 165 -16.29 -12.34 15.21
C ALA B 165 -16.87 -13.55 15.95
N SER B 166 -17.78 -13.29 16.89
CA SER B 166 -18.33 -14.32 17.75
C SER B 166 -19.85 -14.23 17.83
N GLY B 167 -20.47 -13.80 16.73
CA GLY B 167 -21.90 -13.52 16.69
C GLY B 167 -22.29 -13.10 15.30
N ARG B 168 -23.57 -12.83 15.05
CA ARG B 168 -23.99 -12.41 13.71
C ARG B 168 -23.27 -11.12 13.28
N ALA B 169 -22.92 -11.05 12.00
CA ALA B 169 -22.17 -9.94 11.44
C ALA B 169 -22.72 -9.58 10.08
N ASP B 170 -22.12 -8.59 9.45
CA ASP B 170 -22.60 -8.05 8.19
C ASP B 170 -21.65 -8.35 7.03
N THR B 171 -22.00 -9.36 6.24
CA THR B 171 -21.15 -9.84 5.16
C THR B 171 -21.72 -9.41 3.83
N ARG B 172 -20.85 -8.88 2.97
CA ARG B 172 -21.27 -8.39 1.67
C ARG B 172 -20.30 -8.83 0.59
N ILE B 173 -20.81 -8.94 -0.63
CA ILE B 173 -20.04 -9.43 -1.76
C ILE B 173 -19.94 -8.29 -2.79
N LEU B 174 -18.72 -7.85 -3.06
CA LEU B 174 -18.48 -6.72 -3.94
C LEU B 174 -18.15 -7.21 -5.34
N PHE B 175 -18.56 -6.41 -6.32
CA PHE B 175 -18.26 -6.69 -7.71
C PHE B 175 -17.53 -5.47 -8.24
N ILE B 176 -16.35 -5.70 -8.81
CA ILE B 176 -15.37 -4.65 -9.05
C ILE B 176 -14.84 -4.73 -10.49
N GLU B 177 -15.01 -3.65 -11.22
CA GLU B 177 -14.59 -3.57 -12.62
C GLU B 177 -13.49 -2.53 -12.75
N GLU B 178 -12.30 -2.98 -13.12
CA GLU B 178 -11.11 -2.13 -13.18
C GLU B 178 -10.95 -1.29 -11.91
N GLY B 179 -11.11 -1.92 -10.76
CA GLY B 179 -10.95 -1.25 -9.47
C GLY B 179 -12.15 -0.44 -8.99
N LYS B 180 -13.19 -0.35 -9.80
CA LYS B 180 -14.41 0.43 -9.50
C LYS B 180 -15.52 -0.50 -8.99
N ILE B 181 -15.98 -0.28 -7.76
CA ILE B 181 -17.09 -1.05 -7.19
C ILE B 181 -18.36 -0.73 -8.00
N VAL B 182 -18.86 -1.70 -8.75
CA VAL B 182 -20.07 -1.49 -9.55
C VAL B 182 -21.35 -2.03 -8.89
N HIS B 183 -21.20 -2.82 -7.83
CA HIS B 183 -22.35 -3.43 -7.17
C HIS B 183 -21.94 -4.08 -5.86
N ILE B 184 -22.84 -4.07 -4.90
CA ILE B 184 -22.64 -4.77 -3.64
C ILE B 184 -23.89 -5.60 -3.34
N SER B 185 -23.69 -6.86 -2.97
CA SER B 185 -24.78 -7.74 -2.59
C SER B 185 -24.59 -8.20 -1.16
N PRO B 186 -25.66 -8.13 -0.34
CA PRO B 186 -25.54 -8.72 0.98
C PRO B 186 -25.48 -10.25 0.93
N LEU B 187 -24.86 -10.84 1.94
CA LEU B 187 -24.90 -12.27 2.11
C LEU B 187 -26.34 -12.72 2.21
N SER B 188 -26.63 -13.86 1.61
CA SER B 188 -27.97 -14.43 1.59
C SER B 188 -27.85 -15.97 1.56
N GLY B 189 -28.90 -16.66 2.02
CA GLY B 189 -28.86 -18.12 2.18
C GLY B 189 -28.69 -18.51 3.63
N SER B 190 -28.24 -19.73 3.89
CA SER B 190 -28.27 -20.29 5.25
C SER B 190 -26.98 -20.21 6.04
N ALA B 191 -25.89 -19.74 5.43
CA ALA B 191 -24.66 -19.55 6.20
C ALA B 191 -24.88 -18.44 7.21
N GLN B 192 -24.50 -18.69 8.45
CA GLN B 192 -24.77 -17.75 9.53
C GLN B 192 -23.54 -16.96 10.01
N HIS B 193 -22.36 -17.29 9.47
CA HIS B 193 -21.15 -16.53 9.79
C HIS B 193 -20.08 -16.80 8.74
N ILE B 194 -19.53 -15.72 8.19
CA ILE B 194 -18.59 -15.80 7.07
C ILE B 194 -17.34 -15.02 7.39
N GLU B 195 -16.22 -15.73 7.41
CA GLU B 195 -14.89 -15.14 7.56
C GLU B 195 -13.96 -15.74 6.49
N GLU B 196 -13.02 -14.92 6.03
CA GLU B 196 -11.83 -15.40 5.32
C GLU B 196 -12.13 -16.42 4.23
N CYS B 197 -12.94 -16.03 3.28
CA CYS B 197 -13.36 -16.95 2.22
C CYS B 197 -12.24 -17.34 1.27
N SER B 198 -12.18 -18.64 0.95
CA SER B 198 -11.30 -19.15 -0.08
C SER B 198 -12.17 -19.44 -1.28
N CYS B 199 -12.04 -18.57 -2.28
CA CYS B 199 -12.92 -18.60 -3.43
C CYS B 199 -12.19 -19.11 -4.65
N TYR B 200 -12.96 -19.54 -5.63
CA TYR B 200 -12.40 -20.05 -6.85
C TYR B 200 -13.40 -19.94 -7.98
N PRO B 201 -12.88 -19.75 -9.20
CA PRO B 201 -13.79 -19.68 -10.32
C PRO B 201 -14.46 -21.03 -10.57
N ARG B 202 -15.77 -20.99 -10.81
CA ARG B 202 -16.52 -22.19 -11.15
C ARG B 202 -17.51 -21.76 -12.21
N TYR B 203 -16.98 -21.53 -13.41
CA TYR B 203 -17.74 -20.89 -14.47
C TYR B 203 -19.16 -21.46 -14.56
N PRO B 204 -20.18 -20.59 -14.72
CA PRO B 204 -20.11 -19.15 -14.94
C PRO B 204 -20.09 -18.32 -13.66
N GLY B 205 -19.93 -18.98 -12.52
CA GLY B 205 -19.94 -18.31 -11.22
C GLY B 205 -18.64 -18.42 -10.45
N VAL B 206 -18.71 -18.06 -9.17
CA VAL B 206 -17.59 -18.12 -8.26
C VAL B 206 -18.11 -18.78 -7.00
N ARG B 207 -17.30 -19.64 -6.40
CA ARG B 207 -17.66 -20.41 -5.22
C ARG B 207 -16.59 -20.24 -4.16
N CYS B 208 -17.03 -20.10 -2.92
CA CYS B 208 -16.13 -19.87 -1.81
C CYS B 208 -16.44 -20.82 -0.71
N ILE B 209 -15.40 -21.35 -0.06
CA ILE B 209 -15.54 -22.12 1.15
C ILE B 209 -14.83 -21.27 2.17
N CYS B 210 -15.51 -21.00 3.27
CA CYS B 210 -15.07 -19.97 4.20
C CYS B 210 -14.93 -20.56 5.58
N ARG B 211 -14.94 -19.67 6.58
CA ARG B 211 -14.73 -20.02 7.98
C ARG B 211 -15.91 -19.46 8.79
N ASP B 212 -16.51 -20.29 9.64
CA ASP B 212 -17.57 -19.86 10.56
C ASP B 212 -16.93 -19.79 11.91
N ASN B 213 -16.92 -18.59 12.48
CA ASN B 213 -16.16 -18.34 13.67
C ASN B 213 -17.06 -18.27 14.90
N TRP B 214 -18.36 -18.54 14.69
CA TRP B 214 -19.40 -18.39 15.71
C TRP B 214 -19.98 -19.75 16.17
N LYS B 215 -20.71 -20.44 15.29
CA LYS B 215 -21.39 -21.69 15.66
C LYS B 215 -21.01 -22.96 14.87
N GLY B 216 -20.16 -22.82 13.85
CA GLY B 216 -19.84 -23.92 12.94
C GLY B 216 -18.38 -24.37 12.99
N SER B 217 -18.17 -25.67 13.14
CA SER B 217 -16.88 -26.30 12.82
C SER B 217 -16.95 -26.92 11.44
N ASN B 218 -18.14 -26.97 10.86
CA ASN B 218 -18.28 -27.21 9.44
C ASN B 218 -18.07 -25.89 8.71
N ARG B 219 -17.56 -25.97 7.47
CA ARG B 219 -17.22 -24.78 6.70
C ARG B 219 -18.39 -24.28 5.86
N PRO B 220 -18.70 -22.97 5.97
CA PRO B 220 -19.72 -22.38 5.12
C PRO B 220 -19.30 -22.32 3.67
N VAL B 221 -20.31 -22.26 2.81
CA VAL B 221 -20.14 -22.10 1.39
C VAL B 221 -20.83 -20.80 1.01
N VAL B 222 -20.24 -20.04 0.10
CA VAL B 222 -20.92 -18.90 -0.51
C VAL B 222 -20.84 -19.04 -2.02
N ASP B 223 -21.98 -18.96 -2.70
CA ASP B 223 -22.01 -19.03 -4.16
C ASP B 223 -22.39 -17.68 -4.74
N ILE B 224 -21.60 -17.22 -5.70
CA ILE B 224 -21.74 -15.89 -6.26
C ILE B 224 -22.08 -16.00 -7.72
N ASN B 225 -23.23 -15.47 -8.07
CA ASN B 225 -23.68 -15.39 -9.45
C ASN B 225 -23.17 -14.10 -10.07
N MET B 226 -22.32 -14.21 -11.08
CA MET B 226 -21.67 -13.05 -11.68
C MET B 226 -22.53 -12.41 -12.77
N GLU B 227 -23.61 -13.08 -13.16
CA GLU B 227 -24.52 -12.53 -14.18
C GLU B 227 -25.54 -11.57 -13.58
N ASP B 228 -26.09 -11.89 -12.41
CA ASP B 228 -27.10 -11.02 -11.77
C ASP B 228 -26.78 -10.59 -10.33
N TYR B 229 -25.60 -10.94 -9.84
CA TYR B 229 -25.12 -10.53 -8.51
C TYR B 229 -25.82 -11.20 -7.33
N SER B 230 -26.67 -12.18 -7.59
CA SER B 230 -27.37 -12.89 -6.52
C SER B 230 -26.38 -13.76 -5.75
N ILE B 231 -26.68 -13.95 -4.47
CA ILE B 231 -25.83 -14.70 -3.55
C ILE B 231 -26.62 -15.85 -2.93
N ASP B 232 -25.96 -17.00 -2.79
CA ASP B 232 -26.50 -18.11 -2.03
C ASP B 232 -25.44 -18.55 -1.03
N SER B 233 -25.86 -19.28 -0.02
CA SER B 233 -24.92 -19.81 0.95
C SER B 233 -25.49 -21.03 1.66
N SER B 234 -24.58 -21.84 2.20
CA SER B 234 -24.92 -23.10 2.82
C SER B 234 -23.67 -23.57 3.59
N TYR B 235 -23.56 -24.87 3.83
CA TYR B 235 -22.40 -25.42 4.52
C TYR B 235 -21.96 -26.67 3.76
N VAL B 236 -20.67 -27.00 3.86
CA VAL B 236 -20.14 -28.18 3.19
C VAL B 236 -20.82 -29.42 3.80
N CYS B 237 -21.34 -30.28 2.93
CA CYS B 237 -22.03 -31.50 3.40
C CYS B 237 -21.16 -32.43 4.23
N SER B 238 -19.90 -32.60 3.84
CA SER B 238 -19.02 -33.61 4.43
C SER B 238 -19.10 -33.66 5.95
N GLY B 239 -19.28 -34.87 6.48
CA GLY B 239 -19.25 -35.11 7.94
C GLY B 239 -17.84 -35.11 8.49
N LEU B 240 -16.85 -35.16 7.59
CA LEU B 240 -15.48 -34.85 7.94
C LEU B 240 -15.34 -33.35 7.74
N VAL B 241 -15.30 -32.61 8.85
CA VAL B 241 -15.40 -31.14 8.82
C VAL B 241 -14.01 -30.47 8.81
N GLY B 242 -13.94 -29.28 8.19
CA GLY B 242 -12.67 -28.64 7.84
C GLY B 242 -12.09 -27.62 8.80
N ASP B 243 -12.86 -27.22 9.80
CA ASP B 243 -12.47 -26.10 10.64
C ASP B 243 -11.66 -26.63 11.79
N THR B 244 -11.00 -25.73 12.49
CA THR B 244 -10.32 -26.03 13.74
C THR B 244 -10.63 -24.87 14.70
N PRO B 245 -11.22 -25.17 15.88
CA PRO B 245 -11.50 -26.49 16.44
C PRO B 245 -12.66 -27.24 15.78
N ARG B 246 -12.79 -28.50 16.15
CA ARG B 246 -13.85 -29.38 15.64
C ARG B 246 -13.92 -30.63 16.51
N ASN B 247 -15.02 -31.37 16.40
CA ASN B 247 -15.13 -32.67 17.06
C ASN B 247 -14.30 -33.69 16.30
N ASP B 248 -13.87 -34.75 16.97
CA ASP B 248 -13.18 -35.85 16.30
C ASP B 248 -14.08 -36.47 15.24
N ASP B 249 -13.50 -37.27 14.34
CA ASP B 249 -14.21 -37.76 13.16
C ASP B 249 -15.42 -38.64 13.46
N SER B 250 -15.43 -39.30 14.61
CA SER B 250 -16.55 -40.19 14.93
C SER B 250 -17.75 -39.38 15.43
N SER B 251 -17.51 -38.23 16.07
CA SER B 251 -18.59 -37.43 16.66
C SER B 251 -18.86 -36.08 15.97
N SER B 252 -18.35 -35.90 14.75
CA SER B 252 -18.54 -34.66 13.98
C SER B 252 -19.71 -34.79 13.02
N ASN B 253 -20.36 -33.66 12.70
CA ASN B 253 -21.54 -33.66 11.82
C ASN B 253 -21.68 -32.40 10.98
N SER B 254 -22.37 -32.54 9.86
CA SER B 254 -22.81 -31.42 9.04
C SER B 254 -24.04 -31.88 8.26
N ASN B 255 -25.02 -30.99 8.11
CA ASN B 255 -26.24 -31.29 7.35
C ASN B 255 -26.38 -30.47 6.08
N CYS B 256 -25.29 -29.80 5.68
CA CYS B 256 -25.22 -28.97 4.47
C CYS B 256 -25.92 -27.62 4.57
N ARG B 257 -26.56 -27.31 5.70
CA ARG B 257 -27.48 -26.16 5.76
C ARG B 257 -27.25 -25.21 6.92
N ASN B 258 -26.98 -25.76 8.09
CA ASN B 258 -26.80 -24.95 9.29
C ASN B 258 -25.44 -25.22 9.92
N PRO B 259 -24.95 -24.26 10.73
CA PRO B 259 -23.78 -24.56 11.54
C PRO B 259 -24.08 -25.71 12.49
N ASN B 260 -23.07 -26.52 12.78
CA ASN B 260 -23.31 -27.77 13.52
C ASN B 260 -23.28 -27.62 15.04
N ASN B 261 -22.94 -26.43 15.52
CA ASN B 261 -22.80 -26.19 16.96
C ASN B 261 -21.91 -27.21 17.67
N GLU B 262 -20.85 -27.63 17.00
CA GLU B 262 -19.84 -28.52 17.57
C GLU B 262 -18.51 -27.78 17.63
N ARG B 263 -18.09 -27.40 18.83
CA ARG B 263 -16.94 -26.53 19.01
C ARG B 263 -16.89 -25.45 17.90
N GLY B 264 -18.04 -24.82 17.68
CA GLY B 264 -18.21 -23.90 16.57
C GLY B 264 -17.46 -22.60 16.71
N THR B 265 -17.28 -22.14 17.94
CA THR B 265 -16.64 -20.86 18.18
C THR B 265 -15.17 -20.95 17.80
N GLN B 266 -14.63 -19.85 17.27
CA GLN B 266 -13.26 -19.79 16.73
C GLN B 266 -13.23 -20.49 15.38
N GLY B 267 -12.03 -20.61 14.82
CA GLY B 267 -11.86 -21.20 13.50
C GLY B 267 -10.46 -21.02 12.96
N VAL B 268 -10.29 -21.35 11.68
CA VAL B 268 -9.06 -21.09 10.97
C VAL B 268 -9.44 -21.01 9.51
N LYS B 269 -8.82 -20.10 8.77
CA LYS B 269 -9.11 -19.99 7.35
C LYS B 269 -8.74 -21.31 6.69
N GLY B 270 -9.57 -21.75 5.76
CA GLY B 270 -9.37 -23.01 5.07
C GLY B 270 -10.01 -23.01 3.70
N TRP B 271 -10.09 -24.19 3.11
CA TRP B 271 -10.59 -24.35 1.75
C TRP B 271 -11.12 -25.76 1.50
N ALA B 272 -11.91 -25.87 0.45
CA ALA B 272 -12.28 -27.15 -0.11
C ALA B 272 -12.83 -26.81 -1.47
N PHE B 273 -12.94 -27.80 -2.35
CA PHE B 273 -13.64 -27.60 -3.59
C PHE B 273 -14.39 -28.86 -4.02
N ASP B 274 -15.46 -28.67 -4.76
CA ASP B 274 -16.33 -29.75 -5.20
C ASP B 274 -15.81 -30.39 -6.48
N ASN B 275 -16.04 -31.69 -6.59
CA ASN B 275 -15.86 -32.40 -7.84
C ASN B 275 -17.04 -33.35 -8.06
N GLY B 276 -18.06 -32.88 -8.78
CA GLY B 276 -19.31 -33.61 -8.87
C GLY B 276 -19.89 -33.75 -7.48
N ASN B 277 -20.18 -34.97 -7.05
CA ASN B 277 -20.71 -35.20 -5.72
C ASN B 277 -19.63 -35.24 -4.65
N ASP B 278 -18.37 -35.31 -5.09
CA ASP B 278 -17.25 -35.46 -4.17
C ASP B 278 -16.62 -34.11 -3.80
N LEU B 279 -15.80 -34.15 -2.76
CA LEU B 279 -15.18 -32.97 -2.20
C LEU B 279 -13.71 -33.25 -1.92
N TRP B 280 -12.83 -32.42 -2.51
CA TRP B 280 -11.45 -32.35 -2.07
C TRP B 280 -11.35 -31.25 -1.04
N MET B 281 -10.65 -31.53 0.06
CA MET B 281 -10.52 -30.56 1.13
C MET B 281 -9.21 -30.75 1.89
N GLY B 282 -8.82 -29.70 2.62
CA GLY B 282 -7.73 -29.78 3.56
C GLY B 282 -8.18 -29.37 4.94
N ARG B 283 -7.38 -29.72 5.92
CA ARG B 283 -7.60 -29.27 7.30
C ARG B 283 -6.35 -29.57 8.11
N THR B 284 -6.30 -29.05 9.32
CA THR B 284 -5.25 -29.39 10.23
C THR B 284 -5.46 -30.84 10.67
N ILE B 285 -4.40 -31.49 11.15
CA ILE B 285 -4.52 -32.87 11.59
C ILE B 285 -5.08 -32.88 13.00
N SER B 286 -4.51 -32.05 13.86
CA SER B 286 -5.07 -31.83 15.17
C SER B 286 -6.48 -31.25 15.02
N LYS B 287 -7.41 -31.74 15.84
CA LYS B 287 -8.77 -31.22 15.83
C LYS B 287 -8.92 -29.99 16.75
N GLU B 288 -8.01 -29.84 17.71
CA GLU B 288 -8.09 -28.73 18.68
C GLU B 288 -7.06 -27.61 18.42
N SER B 289 -5.97 -27.90 17.73
CA SER B 289 -4.90 -26.92 17.54
C SER B 289 -4.45 -26.82 16.08
N ARG B 290 -3.71 -25.75 15.77
CA ARG B 290 -3.25 -25.50 14.40
C ARG B 290 -1.93 -26.25 14.16
N SER B 291 -2.05 -27.58 14.18
CA SER B 291 -0.93 -28.50 14.10
C SER B 291 -1.21 -29.49 12.97
N GLY B 292 -0.19 -29.74 12.14
CA GLY B 292 -0.31 -30.65 11.01
C GLY B 292 -1.20 -30.13 9.91
N TYR B 293 -1.14 -30.79 8.76
CA TYR B 293 -2.05 -30.48 7.66
C TYR B 293 -2.23 -31.69 6.74
N GLU B 294 -3.48 -31.98 6.39
CA GLU B 294 -3.80 -33.15 5.60
C GLU B 294 -4.81 -32.76 4.54
N THR B 295 -4.72 -33.42 3.38
CA THR B 295 -5.73 -33.31 2.34
C THR B 295 -6.31 -34.70 2.09
N PHE B 296 -7.53 -34.72 1.54
CA PHE B 296 -8.16 -35.96 1.08
C PHE B 296 -9.42 -35.63 0.29
N LYS B 297 -9.93 -36.63 -0.40
CA LYS B 297 -11.19 -36.54 -1.10
C LYS B 297 -12.23 -37.24 -0.25
N VAL B 298 -13.36 -36.58 -0.01
CA VAL B 298 -14.49 -37.17 0.69
C VAL B 298 -15.53 -37.61 -0.34
N ILE B 299 -15.81 -38.91 -0.37
CA ILE B 299 -16.77 -39.47 -1.32
C ILE B 299 -18.17 -38.99 -0.90
N GLY B 300 -18.88 -38.39 -1.84
CA GLY B 300 -20.15 -37.71 -1.54
C GLY B 300 -20.01 -36.48 -0.65
N GLY B 301 -18.78 -35.96 -0.51
CA GLY B 301 -18.50 -34.85 0.40
C GLY B 301 -19.16 -33.54 0.02
N TRP B 302 -19.57 -33.41 -1.24
CA TRP B 302 -20.29 -32.22 -1.68
C TRP B 302 -21.82 -32.40 -1.64
N SER B 303 -22.30 -33.59 -2.02
CA SER B 303 -23.73 -33.84 -2.22
C SER B 303 -24.45 -34.52 -1.06
N THR B 304 -23.72 -35.30 -0.27
CA THR B 304 -24.31 -36.20 0.71
C THR B 304 -24.06 -35.73 2.14
N PRO B 305 -25.13 -35.28 2.82
CA PRO B 305 -25.00 -34.81 4.18
C PRO B 305 -24.26 -35.82 5.04
N ASN B 306 -23.26 -35.35 5.76
CA ASN B 306 -22.59 -36.16 6.77
C ASN B 306 -21.75 -37.35 6.24
N SER B 307 -21.40 -37.33 4.95
CA SER B 307 -20.50 -38.35 4.39
C SER B 307 -19.14 -38.35 5.09
N LYS B 308 -18.66 -39.54 5.47
CA LYS B 308 -17.37 -39.68 6.15
C LYS B 308 -16.40 -40.67 5.49
N SER B 309 -16.72 -41.08 4.27
CA SER B 309 -15.85 -41.99 3.53
C SER B 309 -14.81 -41.17 2.75
N GLN B 310 -13.54 -41.29 3.14
CA GLN B 310 -12.48 -40.58 2.42
C GLN B 310 -11.58 -41.52 1.63
N VAL B 311 -10.92 -40.95 0.65
CA VAL B 311 -9.93 -41.65 -0.16
C VAL B 311 -8.84 -40.64 -0.57
N ASN B 312 -7.66 -41.16 -0.92
CA ASN B 312 -6.53 -40.36 -1.43
C ASN B 312 -6.01 -39.31 -0.45
N ARG B 313 -5.85 -39.71 0.80
CA ARG B 313 -5.26 -38.83 1.78
C ARG B 313 -3.78 -38.59 1.49
N GLN B 314 -3.31 -37.40 1.88
CA GLN B 314 -1.90 -37.01 1.83
C GLN B 314 -1.59 -36.15 3.05
N VAL B 315 -0.55 -36.52 3.78
CA VAL B 315 0.00 -35.65 4.79
C VAL B 315 0.74 -34.54 4.03
N ILE B 316 0.47 -33.28 4.36
CA ILE B 316 1.25 -32.14 3.86
C ILE B 316 2.27 -31.72 4.92
N VAL B 317 1.81 -31.60 6.16
CA VAL B 317 2.65 -31.28 7.30
C VAL B 317 2.28 -32.26 8.40
N ASP B 318 3.26 -32.95 8.98
CA ASP B 318 2.92 -33.91 10.04
C ASP B 318 2.49 -33.21 11.31
N ASN B 319 1.85 -33.97 12.20
CA ASN B 319 1.22 -33.40 13.36
C ASN B 319 2.18 -33.10 14.49
N ASN B 320 3.48 -33.26 14.25
CA ASN B 320 4.47 -32.75 15.17
C ASN B 320 4.86 -31.31 14.83
N ASN B 321 4.29 -30.75 13.77
CA ASN B 321 4.67 -29.42 13.29
C ASN B 321 3.49 -28.47 13.13
N TRP B 322 3.76 -27.19 13.36
CA TRP B 322 2.73 -26.15 13.32
C TRP B 322 2.31 -25.82 11.92
N SER B 323 1.02 -25.63 11.72
CA SER B 323 0.47 -25.16 10.47
C SER B 323 -0.16 -23.78 10.72
N GLY B 324 -1.37 -23.56 10.20
CA GLY B 324 -2.04 -22.26 10.26
C GLY B 324 -3.04 -22.16 9.13
N TYR B 325 -3.19 -20.97 8.58
CA TYR B 325 -4.13 -20.73 7.51
C TYR B 325 -3.79 -21.55 6.27
N SER B 326 -4.80 -21.75 5.43
CA SER B 326 -4.62 -22.38 4.13
C SER B 326 -5.66 -21.80 3.22
N GLY B 327 -5.37 -21.77 1.93
CA GLY B 327 -6.30 -21.22 0.98
C GLY B 327 -6.06 -21.79 -0.37
N ILE B 328 -7.02 -21.59 -1.24
CA ILE B 328 -6.97 -22.10 -2.59
C ILE B 328 -6.54 -21.01 -3.57
N PHE B 329 -5.97 -21.44 -4.68
CA PHE B 329 -5.81 -20.58 -5.85
C PHE B 329 -5.94 -21.43 -7.08
N SER B 330 -6.37 -20.82 -8.17
CA SER B 330 -6.65 -21.56 -9.39
C SER B 330 -5.71 -21.14 -10.51
N VAL B 331 -5.37 -22.08 -11.38
CA VAL B 331 -4.36 -21.88 -12.41
C VAL B 331 -4.87 -22.45 -13.72
N GLU B 332 -4.96 -21.60 -14.74
CA GLU B 332 -5.48 -22.02 -16.02
C GLU B 332 -4.44 -22.81 -16.83
N GLY B 333 -4.76 -24.06 -17.14
CA GLY B 333 -3.97 -24.87 -18.05
C GLY B 333 -4.54 -24.84 -19.46
N LYS B 334 -4.00 -25.70 -20.31
CA LYS B 334 -4.37 -25.74 -21.73
C LYS B 334 -5.83 -26.10 -21.95
N SER B 335 -6.32 -27.13 -21.26
N SER B 335 -6.32 -27.12 -21.24
CA SER B 335 -7.70 -27.62 -21.43
CA SER B 335 -7.67 -27.64 -21.43
C SER B 335 -8.56 -27.52 -20.18
C SER B 335 -8.55 -27.58 -20.17
N CYS B 336 -7.96 -27.35 -19.00
CA CYS B 336 -8.70 -27.33 -17.75
C CYS B 336 -8.12 -26.36 -16.73
N ILE B 337 -8.92 -26.06 -15.72
CA ILE B 337 -8.54 -25.17 -14.64
C ILE B 337 -8.14 -26.03 -13.46
N ASN B 338 -6.93 -25.82 -12.97
CA ASN B 338 -6.41 -26.63 -11.90
C ASN B 338 -6.58 -25.86 -10.59
N ARG B 339 -6.68 -26.61 -9.49
CA ARG B 339 -6.76 -26.04 -8.18
C ARG B 339 -5.46 -26.33 -7.47
N CYS B 340 -4.93 -25.32 -6.79
CA CYS B 340 -3.77 -25.48 -5.95
C CYS B 340 -4.09 -24.92 -4.60
N PHE B 341 -3.21 -25.12 -3.65
CA PHE B 341 -3.39 -24.54 -2.34
C PHE B 341 -2.07 -24.27 -1.65
N TYR B 342 -2.10 -23.35 -0.69
CA TYR B 342 -0.96 -23.02 0.13
C TYR B 342 -1.30 -23.32 1.56
N VAL B 343 -0.28 -23.55 2.38
CA VAL B 343 -0.44 -23.66 3.81
C VAL B 343 0.53 -22.69 4.47
N GLU B 344 0.00 -21.90 5.40
CA GLU B 344 0.77 -20.98 6.22
C GLU B 344 1.33 -21.78 7.37
N LEU B 345 2.60 -21.59 7.67
CA LEU B 345 3.27 -22.35 8.71
C LEU B 345 3.75 -21.40 9.78
N ILE B 346 2.98 -21.32 10.87
CA ILE B 346 3.14 -20.27 11.85
C ILE B 346 4.16 -20.67 12.87
N ARG B 347 5.12 -19.78 13.12
CA ARG B 347 6.09 -19.98 14.16
C ARG B 347 6.06 -18.80 15.14
N GLY B 348 6.45 -19.09 16.38
CA GLY B 348 6.48 -18.09 17.44
C GLY B 348 5.17 -18.10 18.22
N ARG B 349 4.67 -16.92 18.55
CA ARG B 349 3.58 -16.79 19.50
C ARG B 349 2.27 -17.05 18.79
N PRO B 350 1.27 -17.57 19.53
CA PRO B 350 1.29 -17.85 20.97
C PRO B 350 1.93 -19.19 21.39
N GLN B 351 2.11 -20.14 20.47
CA GLN B 351 2.54 -21.50 20.85
C GLN B 351 3.98 -21.59 21.36
N GLU B 352 4.88 -20.81 20.76
CA GLU B 352 6.31 -20.92 21.06
C GLU B 352 6.79 -19.62 21.70
N THR B 353 6.92 -19.64 23.02
CA THR B 353 7.10 -18.43 23.80
C THR B 353 8.56 -18.09 24.04
N ARG B 354 9.49 -18.92 23.59
CA ARG B 354 10.91 -18.55 23.63
C ARG B 354 11.15 -17.24 22.87
N VAL B 355 10.40 -17.06 21.79
CA VAL B 355 10.48 -15.85 20.99
C VAL B 355 9.30 -14.93 21.27
N TRP B 356 9.47 -13.65 20.93
CA TRP B 356 8.46 -12.63 21.21
C TRP B 356 7.74 -12.17 19.95
N TRP B 357 8.06 -12.80 18.83
CA TRP B 357 7.44 -12.51 17.55
C TRP B 357 6.50 -13.63 17.10
N THR B 358 5.80 -13.36 16.02
CA THR B 358 4.95 -14.34 15.36
C THR B 358 5.21 -14.12 13.89
N SER B 359 5.54 -15.19 13.17
CA SER B 359 5.76 -15.09 11.73
C SER B 359 5.39 -16.40 11.07
N ASN B 360 5.52 -16.48 9.76
CA ASN B 360 5.26 -17.73 9.06
C ASN B 360 6.13 -17.91 7.82
N SER B 361 6.27 -19.18 7.42
CA SER B 361 6.70 -19.54 6.07
C SER B 361 5.52 -20.18 5.38
N ILE B 362 5.68 -20.55 4.11
CA ILE B 362 4.62 -21.26 3.40
C ILE B 362 5.12 -22.54 2.70
N VAL B 363 4.18 -23.42 2.41
CA VAL B 363 4.40 -24.55 1.49
C VAL B 363 3.21 -24.62 0.55
N VAL B 364 3.47 -24.98 -0.69
CA VAL B 364 2.45 -24.86 -1.73
C VAL B 364 2.41 -26.13 -2.56
N PHE B 365 1.20 -26.64 -2.79
CA PHE B 365 0.96 -27.84 -3.58
C PHE B 365 -0.08 -27.54 -4.63
N CYS B 366 0.01 -28.24 -5.75
CA CYS B 366 -0.92 -28.10 -6.85
C CYS B 366 -1.55 -29.44 -7.21
N GLY B 367 -2.76 -29.38 -7.75
CA GLY B 367 -3.46 -30.56 -8.22
C GLY B 367 -2.66 -31.26 -9.30
N THR B 368 -2.71 -32.59 -9.29
CA THR B 368 -2.06 -33.40 -10.31
C THR B 368 -3.01 -34.48 -10.80
N SER B 369 -2.90 -34.81 -12.09
CA SER B 369 -3.59 -35.96 -12.67
C SER B 369 -2.67 -37.18 -12.75
N GLY B 370 -1.47 -37.07 -12.18
CA GLY B 370 -0.49 -38.16 -12.19
C GLY B 370 -0.42 -38.84 -10.84
N THR B 371 0.76 -39.33 -10.48
CA THR B 371 0.92 -40.08 -9.25
C THR B 371 1.94 -39.39 -8.38
N TYR B 372 2.06 -39.87 -7.15
CA TYR B 372 2.84 -39.21 -6.14
C TYR B 372 3.06 -40.18 -5.01
N GLY B 373 3.89 -39.80 -4.05
CA GLY B 373 4.17 -40.61 -2.89
C GLY B 373 3.76 -39.92 -1.60
N THR B 374 4.67 -39.90 -0.63
CA THR B 374 4.41 -39.30 0.66
C THR B 374 5.58 -38.43 1.14
N GLY B 375 5.32 -37.67 2.19
CA GLY B 375 6.31 -36.81 2.83
C GLY B 375 5.70 -35.90 3.87
N SER B 376 6.50 -34.99 4.40
CA SER B 376 6.04 -33.93 5.30
C SER B 376 6.93 -32.70 5.10
N TRP B 377 6.32 -31.55 4.82
CA TRP B 377 7.04 -30.34 4.47
C TRP B 377 6.72 -29.21 5.45
N PRO B 378 7.24 -29.31 6.67
CA PRO B 378 6.99 -28.30 7.69
C PRO B 378 7.89 -27.06 7.54
N ASP B 379 7.75 -26.11 8.48
CA ASP B 379 8.51 -24.87 8.43
C ASP B 379 10.01 -25.16 8.44
N GLY B 380 10.45 -25.95 9.43
CA GLY B 380 11.81 -26.47 9.47
C GLY B 380 12.76 -25.72 10.36
N ALA B 381 12.32 -24.59 10.90
CA ALA B 381 13.19 -23.80 11.76
C ALA B 381 13.29 -24.46 13.13
N ASN B 382 14.47 -24.43 13.70
CA ASN B 382 14.68 -24.77 15.08
C ASN B 382 14.45 -23.51 15.91
N ILE B 383 13.37 -23.51 16.70
CA ILE B 383 13.00 -22.36 17.53
C ILE B 383 14.15 -21.89 18.43
N ASN B 384 15.01 -22.83 18.83
CA ASN B 384 16.13 -22.52 19.69
C ASN B 384 17.26 -21.77 18.99
N PHE B 385 17.24 -21.80 17.65
CA PHE B 385 18.22 -21.08 16.84
C PHE B 385 17.83 -19.64 16.50
N MET B 386 16.59 -19.25 16.83
CA MET B 386 16.05 -18.00 16.33
C MET B 386 16.40 -16.82 17.22
N PRO B 387 16.61 -15.64 16.63
CA PRO B 387 16.56 -14.42 17.45
C PRO B 387 15.21 -14.34 18.17
N ILE B 388 15.21 -13.94 19.44
CA ILE B 388 13.95 -13.90 20.20
C ILE B 388 13.18 -12.60 19.97
#